data_9BIN
#
_entry.id   9BIN
#
_cell.length_a   1.00
_cell.length_b   1.00
_cell.length_c   1.00
_cell.angle_alpha   90.00
_cell.angle_beta   90.00
_cell.angle_gamma   90.00
#
_symmetry.space_group_name_H-M   'P 1'
#
loop_
_entity.id
_entity.type
_entity.pdbx_description
1 polymer 'Uncharacterized MFS-type transporter EfpA'
2 non-polymer (1S,3S)-N-[6-bromo-5-(pyrimidin-2-yl)pyridin-2-yl]-2,2-dimethyl-3-(2-methylprop-1-en-1-yl)cyclopropane-1-carboxamide
3 non-polymer '[(2~{R})-3-[[(2~{R})-2,3-bis(oxidanyl)propoxy]-oxidanyl-phosphoryl]oxy-2-hexadecanoyloxy-propyl] octadecanoate'
4 non-polymer 'CHOLESTEROL HEMISUCCINATE'
#
_entity_poly.entity_id   1
_entity_poly.type   'polypeptide(L)'
_entity_poly.pdbx_seq_one_letter_code
;MGSSDYKDDDDKSSGLVPRGSMADLEDNWETLNDNLKVIEKADNAAQVKDALTKMRAAALDAQKATPPKLEDKSPDSPEM
KDFRHGFDILVGQIDDALKLANEGKVKEAQAAAEQLKTTRNAYIQKYLRSFIAAVIAIGGMQLLATMDSTVAIVALPKIQ
NELSLSDAGRSWVITAYVLTFGGLMLLGGRLGDTIGRKRTFIVGVALFTISSVLCAVAWDEATLVIARLSQGVGSAIASP
TGLALVATTFRKGPARNAATAVFAAMTAIGSVMGLVVGGALTEVSWRWAFLVNVPIGLVMIYLARTALRETNKERMKLDA
TGAILATLACTAAVFAFSIGPEKGWMSGITIGSGLVALAAAVAFVIVERTAENPVVPFHLFRDRNRLVTFSAILLAGGVM
FSLTVCIGLYVQDILGYSALRAGVGFIPFVIAMGIGLGVSSQLVSRFSPRVLTIGGGYLLFGAMLYGSFFMHRGVPYFPN
LVMPIVVGGIGIGMAVVPLTLSAIAGVGFDQIGPVSAIALMLQSLGGPLVLAVIQAVITSRTLYLGGTTGPVKFMNDVQL
AALDHAYTYGLLWVAGAAIIVGGMALFIGYTPQQVAHAQEVKEAIDAGELSSENLYFQGHHHHHHHHHH
;
_entity_poly.pdbx_strand_id   A,B
#
# COMPACT_ATOMS: atom_id res chain seq x y z
N ARG A 129 -21.84 -25.10 28.34
CA ARG A 129 -21.62 -26.39 27.68
C ARG A 129 -22.50 -26.49 26.44
N SER A 130 -23.65 -25.83 26.46
CA SER A 130 -24.51 -25.82 25.29
C SER A 130 -24.01 -24.85 24.22
N PHE A 131 -23.39 -23.74 24.62
CA PHE A 131 -22.91 -22.78 23.63
C PHE A 131 -21.67 -23.29 22.92
N ILE A 132 -20.73 -23.90 23.65
CA ILE A 132 -19.53 -24.42 23.02
C ILE A 132 -19.87 -25.59 22.12
N ALA A 133 -20.85 -26.40 22.51
CA ALA A 133 -21.28 -27.50 21.65
C ALA A 133 -21.95 -26.99 20.38
N ALA A 134 -22.68 -25.88 20.46
CA ALA A 134 -23.38 -25.36 19.29
C ALA A 134 -22.40 -24.78 18.27
N VAL A 135 -21.45 -23.97 18.72
CA VAL A 135 -20.53 -23.32 17.79
C VAL A 135 -19.66 -24.36 17.09
N ILE A 136 -19.20 -25.37 17.83
CA ILE A 136 -18.35 -26.40 17.22
C ILE A 136 -19.11 -27.14 16.13
N ALA A 137 -20.37 -27.49 16.40
CA ALA A 137 -21.15 -28.26 15.43
C ALA A 137 -21.33 -27.49 14.14
N ILE A 138 -21.58 -26.18 14.22
CA ILE A 138 -21.86 -25.38 13.03
C ILE A 138 -20.64 -25.33 12.12
N GLY A 139 -19.45 -25.20 12.69
CA GLY A 139 -18.24 -25.12 11.91
C GLY A 139 -17.64 -26.45 11.52
N GLY A 140 -18.33 -27.55 11.80
CA GLY A 140 -17.75 -28.86 11.55
C GLY A 140 -17.42 -29.09 10.09
N MET A 141 -18.32 -28.69 9.19
CA MET A 141 -18.07 -28.93 7.77
C MET A 141 -16.86 -28.15 7.27
N GLN A 142 -16.57 -26.99 7.87
CA GLN A 142 -15.37 -26.25 7.48
C GLN A 142 -14.10 -27.04 7.82
N LEU A 143 -14.06 -27.64 9.01
CA LEU A 143 -12.90 -28.44 9.39
C LEU A 143 -12.74 -29.65 8.47
N LEU A 144 -13.86 -30.33 8.17
CA LEU A 144 -13.77 -31.54 7.36
C LEU A 144 -13.36 -31.23 5.92
N ALA A 145 -14.02 -30.24 5.31
CA ALA A 145 -13.76 -29.95 3.90
C ALA A 145 -12.33 -29.47 3.69
N THR A 146 -11.86 -28.55 4.53
CA THR A 146 -10.50 -28.06 4.40
C THR A 146 -9.50 -29.18 4.67
N MET A 147 -9.74 -29.99 5.70
CA MET A 147 -8.82 -31.06 6.04
C MET A 147 -8.77 -32.11 4.94
N ASP A 148 -9.92 -32.44 4.36
CA ASP A 148 -9.95 -33.45 3.30
C ASP A 148 -9.15 -33.01 2.09
N SER A 149 -9.27 -31.75 1.68
CA SER A 149 -8.55 -31.27 0.51
C SER A 149 -7.04 -31.34 0.74
N THR A 150 -6.58 -30.93 1.93
CA THR A 150 -5.14 -30.99 2.21
C THR A 150 -4.63 -32.42 2.25
N VAL A 151 -5.38 -33.34 2.86
CA VAL A 151 -4.94 -34.72 2.95
C VAL A 151 -4.91 -35.35 1.56
N ALA A 152 -5.90 -35.05 0.72
CA ALA A 152 -5.94 -35.62 -0.62
C ALA A 152 -4.72 -35.20 -1.44
N ILE A 153 -4.33 -33.93 -1.35
CA ILE A 153 -3.19 -33.43 -2.12
C ILE A 153 -1.92 -34.15 -1.71
N VAL A 154 -1.71 -34.32 -0.40
CA VAL A 154 -0.46 -34.91 0.09
C VAL A 154 -0.31 -36.34 -0.39
N ALA A 155 -1.42 -37.07 -0.47
CA ALA A 155 -1.40 -38.50 -0.78
C ALA A 155 -1.45 -38.79 -2.28
N LEU A 156 -1.51 -37.77 -3.13
CA LEU A 156 -1.59 -38.01 -4.57
C LEU A 156 -0.41 -38.81 -5.10
N PRO A 157 0.85 -38.48 -4.77
CA PRO A 157 1.96 -39.26 -5.33
C PRO A 157 1.91 -40.73 -4.98
N LYS A 158 1.46 -41.09 -3.78
CA LYS A 158 1.43 -42.50 -3.42
C LYS A 158 0.29 -43.25 -4.10
N ILE A 159 -0.82 -42.56 -4.39
CA ILE A 159 -1.93 -43.23 -5.06
C ILE A 159 -1.52 -43.74 -6.43
N GLN A 160 -0.61 -43.05 -7.11
CA GLN A 160 -0.11 -43.54 -8.39
C GLN A 160 0.48 -44.93 -8.25
N ASN A 161 1.43 -45.09 -7.32
CA ASN A 161 2.23 -46.30 -7.26
C ASN A 161 1.40 -47.53 -6.95
N GLU A 162 0.21 -47.37 -6.39
CA GLU A 162 -0.65 -48.49 -6.05
C GLU A 162 -1.74 -48.72 -7.10
N LEU A 163 -2.53 -47.70 -7.40
CA LEU A 163 -3.58 -47.82 -8.41
C LEU A 163 -3.03 -47.76 -9.82
N SER A 164 -1.94 -47.01 -10.03
CA SER A 164 -1.35 -46.85 -11.37
C SER A 164 -2.35 -46.20 -12.32
N LEU A 165 -2.83 -45.02 -11.93
CA LEU A 165 -3.88 -44.33 -12.66
C LEU A 165 -3.34 -43.36 -13.70
N SER A 166 -2.02 -43.30 -13.90
CA SER A 166 -1.43 -42.46 -14.93
C SER A 166 -1.58 -40.98 -14.57
N ASP A 167 -0.90 -40.11 -15.32
CA ASP A 167 -0.97 -38.68 -15.05
C ASP A 167 -2.36 -38.13 -15.33
N ALA A 168 -3.05 -38.66 -16.33
CA ALA A 168 -4.38 -38.15 -16.66
C ALA A 168 -5.34 -38.32 -15.49
N GLY A 169 -5.30 -39.47 -14.83
CA GLY A 169 -6.15 -39.69 -13.66
C GLY A 169 -5.66 -38.99 -12.42
N ARG A 170 -4.45 -38.44 -12.43
CA ARG A 170 -3.95 -37.74 -11.27
C ARG A 170 -4.81 -36.52 -10.94
N SER A 171 -5.17 -35.74 -11.95
CA SER A 171 -5.96 -34.53 -11.75
C SER A 171 -7.45 -34.79 -11.69
N TRP A 172 -7.91 -35.98 -12.09
CA TRP A 172 -9.33 -36.25 -12.06
C TRP A 172 -9.83 -36.48 -10.64
N VAL A 173 -8.99 -37.02 -9.76
CA VAL A 173 -9.42 -37.22 -8.38
C VAL A 173 -9.58 -35.89 -7.67
N ILE A 174 -8.86 -34.86 -8.09
CA ILE A 174 -9.01 -33.54 -7.49
C ILE A 174 -10.17 -32.78 -8.14
N THR A 175 -10.23 -32.78 -9.47
CA THR A 175 -11.32 -32.07 -10.15
C THR A 175 -12.66 -32.74 -9.90
N ALA A 176 -12.68 -34.05 -9.62
CA ALA A 176 -13.94 -34.72 -9.35
C ALA A 176 -14.63 -34.13 -8.13
N TYR A 177 -13.88 -33.87 -7.06
CA TYR A 177 -14.45 -33.24 -5.89
C TYR A 177 -14.95 -31.83 -6.19
N VAL A 178 -14.17 -31.07 -6.97
CA VAL A 178 -14.55 -29.69 -7.26
C VAL A 178 -15.67 -29.62 -8.30
N LEU A 179 -15.80 -30.63 -9.15
CA LEU A 179 -16.81 -30.58 -10.19
C LEU A 179 -18.22 -30.54 -9.59
N THR A 180 -18.48 -31.38 -8.59
CA THR A 180 -19.79 -31.39 -7.95
C THR A 180 -19.87 -30.44 -6.77
N PHE A 181 -18.75 -30.14 -6.12
CA PHE A 181 -18.77 -29.19 -5.02
C PHE A 181 -19.19 -27.81 -5.49
N GLY A 182 -18.66 -27.37 -6.64
CA GLY A 182 -19.02 -26.06 -7.16
C GLY A 182 -20.28 -26.05 -7.99
N GLY A 183 -20.55 -27.14 -8.71
CA GLY A 183 -21.74 -27.18 -9.55
C GLY A 183 -23.02 -27.18 -8.75
N LEU A 184 -23.06 -27.91 -7.64
CA LEU A 184 -24.25 -28.07 -6.83
C LEU A 184 -24.28 -27.13 -5.63
N MET A 185 -23.37 -26.14 -5.58
CA MET A 185 -23.23 -25.33 -4.38
C MET A 185 -24.42 -24.38 -4.23
N LEU A 186 -24.86 -23.76 -5.32
CA LEU A 186 -25.97 -22.83 -5.25
C LEU A 186 -27.30 -23.56 -5.03
N LEU A 187 -27.40 -24.81 -5.46
CA LEU A 187 -28.60 -25.60 -5.18
C LEU A 187 -28.74 -25.80 -3.67
N GLY A 188 -27.63 -26.04 -2.98
CA GLY A 188 -27.67 -26.26 -1.55
C GLY A 188 -28.02 -25.03 -0.74
N GLY A 189 -27.84 -23.84 -1.32
CA GLY A 189 -28.20 -22.63 -0.60
C GLY A 189 -29.70 -22.54 -0.33
N ARG A 190 -30.52 -22.85 -1.33
CA ARG A 190 -31.96 -22.79 -1.20
C ARG A 190 -32.56 -24.09 -0.68
N LEU A 191 -31.75 -25.14 -0.52
CA LEU A 191 -32.29 -26.43 -0.12
C LEU A 191 -32.72 -26.43 1.35
N GLY A 192 -32.09 -25.61 2.19
CA GLY A 192 -32.46 -25.57 3.59
C GLY A 192 -33.82 -24.96 3.83
N ASP A 193 -34.25 -24.03 2.97
CA ASP A 193 -35.51 -23.34 3.20
C ASP A 193 -36.71 -24.24 2.94
N THR A 194 -36.56 -25.22 2.05
CA THR A 194 -37.67 -26.12 1.71
C THR A 194 -37.65 -27.42 2.52
N ILE A 195 -36.52 -27.77 3.13
CA ILE A 195 -36.36 -29.00 3.88
C ILE A 195 -36.11 -28.74 5.36
N GLY A 196 -35.34 -27.70 5.68
CA GLY A 196 -34.96 -27.41 7.05
C GLY A 196 -33.46 -27.34 7.16
N ARG A 197 -32.94 -26.32 7.85
CA ARG A 197 -31.49 -26.14 7.87
C ARG A 197 -30.80 -27.18 8.75
N LYS A 198 -31.43 -27.61 9.83
CA LYS A 198 -30.80 -28.64 10.66
C LYS A 198 -30.77 -29.98 9.94
N ARG A 199 -31.90 -30.39 9.36
CA ARG A 199 -31.94 -31.68 8.68
C ARG A 199 -31.14 -31.67 7.39
N THR A 200 -30.87 -30.50 6.81
CA THR A 200 -29.96 -30.44 5.67
C THR A 200 -28.50 -30.52 6.12
N PHE A 201 -28.17 -29.91 7.26
CA PHE A 201 -26.80 -29.97 7.75
C PHE A 201 -26.39 -31.40 8.10
N ILE A 202 -27.28 -32.13 8.77
CA ILE A 202 -26.96 -33.51 9.14
C ILE A 202 -26.82 -34.38 7.90
N VAL A 203 -27.74 -34.22 6.94
CA VAL A 203 -27.69 -35.04 5.73
C VAL A 203 -26.41 -34.75 4.95
N GLY A 204 -26.03 -33.48 4.84
CA GLY A 204 -24.82 -33.14 4.11
C GLY A 204 -23.57 -33.73 4.77
N VAL A 205 -23.47 -33.61 6.10
CA VAL A 205 -22.31 -34.15 6.80
C VAL A 205 -22.31 -35.67 6.76
N ALA A 206 -23.49 -36.28 6.91
CA ALA A 206 -23.57 -37.75 6.92
C ALA A 206 -23.10 -38.33 5.58
N LEU A 207 -23.54 -37.72 4.47
CA LEU A 207 -23.12 -38.22 3.16
C LEU A 207 -21.61 -38.05 2.98
N PHE A 208 -21.05 -36.94 3.48
CA PHE A 208 -19.61 -36.74 3.37
C PHE A 208 -18.85 -37.85 4.10
N THR A 209 -19.29 -38.20 5.31
CA THR A 209 -18.60 -39.23 6.08
C THR A 209 -18.65 -40.59 5.37
N ILE A 210 -19.83 -40.95 4.83
CA ILE A 210 -19.95 -42.24 4.16
C ILE A 210 -19.06 -42.30 2.93
N SER A 211 -18.90 -41.17 2.25
CA SER A 211 -18.07 -41.15 1.05
C SER A 211 -16.59 -41.37 1.38
N SER A 212 -16.12 -40.87 2.52
CA SER A 212 -14.73 -41.09 2.88
C SER A 212 -14.44 -42.58 3.06
N VAL A 213 -15.34 -43.30 3.72
CA VAL A 213 -15.14 -44.74 3.92
C VAL A 213 -15.07 -45.44 2.57
N LEU A 214 -15.98 -45.10 1.66
CA LEU A 214 -15.95 -45.72 0.33
C LEU A 214 -14.68 -45.33 -0.42
N CYS A 215 -14.23 -44.09 -0.25
CA CYS A 215 -13.04 -43.64 -0.95
C CYS A 215 -11.80 -44.40 -0.49
N ALA A 216 -11.79 -44.84 0.77
CA ALA A 216 -10.63 -45.53 1.33
C ALA A 216 -10.53 -47.00 0.90
N VAL A 217 -11.55 -47.53 0.22
CA VAL A 217 -11.54 -48.93 -0.20
C VAL A 217 -11.74 -48.99 -1.71
N ALA A 218 -11.28 -47.98 -2.43
CA ALA A 218 -11.39 -47.95 -3.89
C ALA A 218 -10.38 -48.91 -4.49
N TRP A 219 -10.86 -49.88 -5.27
CA TRP A 219 -9.98 -50.90 -5.85
C TRP A 219 -9.39 -50.49 -7.19
N ASP A 220 -10.05 -49.64 -7.96
CA ASP A 220 -9.52 -49.16 -9.22
C ASP A 220 -9.74 -47.66 -9.30
N GLU A 221 -9.46 -47.07 -10.46
CA GLU A 221 -9.68 -45.65 -10.63
C GLU A 221 -11.15 -45.31 -10.61
N ALA A 222 -11.99 -46.17 -11.19
CA ALA A 222 -13.41 -45.88 -11.29
C ALA A 222 -14.04 -45.64 -9.93
N THR A 223 -13.79 -46.55 -8.98
CA THR A 223 -14.38 -46.42 -7.65
C THR A 223 -13.95 -45.12 -6.98
N LEU A 224 -12.74 -44.65 -7.27
CA LEU A 224 -12.24 -43.45 -6.59
C LEU A 224 -12.91 -42.20 -7.14
N VAL A 225 -13.20 -42.17 -8.44
CA VAL A 225 -13.83 -40.98 -9.03
C VAL A 225 -15.25 -40.82 -8.49
N ILE A 226 -16.05 -41.89 -8.49
CA ILE A 226 -17.39 -41.81 -7.92
C ILE A 226 -17.33 -41.52 -6.43
N ALA A 227 -16.31 -42.03 -5.73
CA ALA A 227 -16.17 -41.72 -4.32
C ALA A 227 -15.93 -40.22 -4.13
N ARG A 228 -15.12 -39.61 -4.99
CA ARG A 228 -14.85 -38.19 -4.86
C ARG A 228 -16.03 -37.35 -5.33
N LEU A 229 -16.82 -37.84 -6.29
CA LEU A 229 -18.01 -37.11 -6.68
C LEU A 229 -19.00 -37.02 -5.53
N SER A 230 -19.16 -38.10 -4.76
CA SER A 230 -20.10 -38.09 -3.65
C SER A 230 -19.67 -37.10 -2.58
N GLN A 231 -18.37 -37.00 -2.30
CA GLN A 231 -17.89 -36.06 -1.29
C GLN A 231 -18.25 -34.62 -1.67
N GLY A 232 -18.11 -34.28 -2.94
CA GLY A 232 -18.46 -32.94 -3.37
C GLY A 232 -19.94 -32.62 -3.14
N VAL A 233 -20.81 -33.60 -3.43
CA VAL A 233 -22.24 -33.39 -3.20
C VAL A 233 -22.50 -33.15 -1.73
N GLY A 234 -21.88 -33.95 -0.85
CA GLY A 234 -22.08 -33.77 0.57
C GLY A 234 -21.58 -32.42 1.06
N SER A 235 -20.42 -31.99 0.56
CA SER A 235 -19.88 -30.70 0.98
C SER A 235 -20.72 -29.55 0.44
N ALA A 236 -21.25 -29.70 -0.78
CA ALA A 236 -22.07 -28.64 -1.35
C ALA A 236 -23.36 -28.44 -0.55
N ILE A 237 -23.93 -29.53 -0.04
CA ILE A 237 -25.17 -29.43 0.72
C ILE A 237 -24.91 -28.77 2.08
N ALA A 238 -23.80 -29.09 2.72
CA ALA A 238 -23.56 -28.69 4.10
C ALA A 238 -22.81 -27.36 4.23
N SER A 239 -21.88 -27.07 3.33
CA SER A 239 -21.07 -25.87 3.48
C SER A 239 -21.91 -24.59 3.48
N PRO A 240 -22.79 -24.36 2.51
CA PRO A 240 -23.63 -23.15 2.58
C PRO A 240 -24.53 -23.11 3.80
N THR A 241 -25.04 -24.26 4.25
CA THR A 241 -25.94 -24.27 5.38
C THR A 241 -25.21 -23.98 6.68
N GLY A 242 -23.92 -24.33 6.76
CA GLY A 242 -23.17 -24.02 7.97
C GLY A 242 -23.06 -22.53 8.21
N LEU A 243 -22.77 -21.76 7.17
CA LEU A 243 -22.69 -20.31 7.33
C LEU A 243 -24.08 -19.72 7.58
N ALA A 244 -25.11 -20.29 6.97
CA ALA A 244 -26.46 -19.78 7.19
C ALA A 244 -26.95 -20.09 8.60
N LEU A 245 -26.42 -21.13 9.24
CA LEU A 245 -26.80 -21.43 10.61
C LEU A 245 -26.22 -20.41 11.58
N VAL A 246 -25.09 -19.79 11.25
CA VAL A 246 -24.50 -18.80 12.14
C VAL A 246 -25.43 -17.62 12.31
N ALA A 247 -26.02 -17.14 11.21
CA ALA A 247 -26.89 -15.97 11.30
C ALA A 247 -28.20 -16.29 12.02
N THR A 248 -28.80 -17.43 11.71
CA THR A 248 -30.13 -17.73 12.24
C THR A 248 -30.07 -18.29 13.66
N THR A 249 -29.05 -19.11 13.95
CA THR A 249 -28.99 -19.74 15.26
C THR A 249 -28.72 -18.72 16.36
N PHE A 250 -27.80 -17.78 16.11
CA PHE A 250 -27.38 -16.81 17.11
C PHE A 250 -27.92 -15.44 16.73
N ARG A 251 -28.55 -14.76 17.70
CA ARG A 251 -29.02 -13.40 17.48
C ARG A 251 -27.85 -12.47 17.27
N LYS A 252 -28.09 -11.39 16.53
CA LYS A 252 -27.05 -10.38 16.31
C LYS A 252 -26.63 -9.79 17.64
N GLY A 253 -25.32 -9.67 17.85
CA GLY A 253 -24.79 -9.17 19.09
C GLY A 253 -23.49 -9.85 19.45
N PRO A 254 -23.16 -9.90 20.75
CA PRO A 254 -21.96 -10.63 21.17
C PRO A 254 -22.01 -12.11 20.83
N ALA A 255 -23.19 -12.71 20.83
CA ALA A 255 -23.29 -14.13 20.51
C ALA A 255 -22.83 -14.41 19.08
N ARG A 256 -23.26 -13.59 18.13
CA ARG A 256 -22.86 -13.80 16.74
C ARG A 256 -21.38 -13.49 16.53
N ASN A 257 -20.84 -12.50 17.23
CA ASN A 257 -19.43 -12.16 17.06
C ASN A 257 -18.53 -13.32 17.50
N ALA A 258 -18.86 -13.97 18.62
CA ALA A 258 -18.07 -15.12 19.06
C ALA A 258 -18.25 -16.30 18.12
N ALA A 259 -19.48 -16.53 17.63
CA ALA A 259 -19.71 -17.65 16.74
C ALA A 259 -18.93 -17.49 15.43
N THR A 260 -18.86 -16.27 14.90
CA THR A 260 -18.13 -16.05 13.67
C THR A 260 -16.65 -16.35 13.84
N ALA A 261 -16.07 -15.96 14.98
CA ALA A 261 -14.67 -16.23 15.24
C ALA A 261 -14.39 -17.73 15.26
N VAL A 262 -15.25 -18.50 15.93
CA VAL A 262 -15.08 -19.94 15.97
C VAL A 262 -15.27 -20.55 14.59
N PHE A 263 -16.20 -20.00 13.80
CA PHE A 263 -16.43 -20.51 12.45
C PHE A 263 -15.17 -20.38 11.60
N ALA A 264 -14.54 -19.20 11.64
CA ALA A 264 -13.33 -18.99 10.87
C ALA A 264 -12.11 -19.63 11.52
N ALA A 265 -12.13 -19.78 12.85
CA ALA A 265 -10.96 -20.30 13.55
C ALA A 265 -10.64 -21.73 13.13
N MET A 266 -11.66 -22.57 13.01
CA MET A 266 -11.44 -23.98 12.69
C MET A 266 -11.39 -24.26 11.19
N THR A 267 -11.54 -23.25 10.34
CA THR A 267 -11.20 -23.43 8.94
C THR A 267 -9.69 -23.53 8.76
N ALA A 268 -8.94 -22.79 9.58
CA ALA A 268 -7.49 -22.88 9.56
C ALA A 268 -6.98 -24.12 10.27
N ILE A 269 -7.69 -24.59 11.30
CA ILE A 269 -7.27 -25.80 12.00
C ILE A 269 -7.26 -26.98 11.06
N GLY A 270 -8.30 -27.12 10.24
CA GLY A 270 -8.35 -28.23 9.30
C GLY A 270 -7.20 -28.22 8.31
N SER A 271 -6.77 -27.03 7.90
CA SER A 271 -5.66 -26.93 6.95
C SER A 271 -4.36 -27.41 7.57
N VAL A 272 -4.03 -26.90 8.76
CA VAL A 272 -2.77 -27.29 9.40
C VAL A 272 -2.81 -28.73 9.88
N MET A 273 -3.92 -29.13 10.51
CA MET A 273 -4.01 -30.50 11.00
C MET A 273 -4.01 -31.50 9.85
N GLY A 274 -4.41 -31.08 8.65
CA GLY A 274 -4.29 -31.96 7.51
C GLY A 274 -2.85 -32.28 7.17
N LEU A 275 -1.98 -31.27 7.24
CA LEU A 275 -0.58 -31.49 6.94
C LEU A 275 0.05 -32.47 7.93
N VAL A 276 -0.26 -32.32 9.22
CA VAL A 276 0.30 -33.22 10.22
C VAL A 276 -0.21 -34.64 10.01
N VAL A 277 -1.53 -34.80 9.87
CA VAL A 277 -2.10 -36.13 9.69
C VAL A 277 -1.68 -36.72 8.35
N GLY A 278 -1.80 -35.93 7.29
CA GLY A 278 -1.46 -36.44 5.96
C GLY A 278 0.01 -36.82 5.85
N GLY A 279 0.89 -36.02 6.44
CA GLY A 279 2.32 -36.30 6.40
C GLY A 279 2.78 -37.35 7.38
N ALA A 280 1.95 -37.72 8.36
CA ALA A 280 2.34 -38.70 9.36
C ALA A 280 1.89 -40.10 8.96
N LEU A 281 0.58 -40.28 8.77
CA LEU A 281 0.03 -41.59 8.42
C LEU A 281 -0.03 -41.78 6.90
N THR A 282 1.09 -41.55 6.23
CA THR A 282 1.21 -41.79 4.80
C THR A 282 2.39 -42.69 4.47
N GLU A 283 3.27 -42.97 5.43
CA GLU A 283 4.36 -43.92 5.27
C GLU A 283 3.92 -45.35 5.53
N VAL A 284 2.66 -45.56 5.90
CA VAL A 284 2.11 -46.89 6.12
C VAL A 284 1.10 -47.24 5.04
N SER A 285 0.23 -46.30 4.67
CA SER A 285 -0.70 -46.44 3.56
C SER A 285 -1.48 -45.15 3.43
N TRP A 286 -1.88 -44.82 2.21
CA TRP A 286 -2.71 -43.66 1.98
C TRP A 286 -4.16 -43.90 2.37
N ARG A 287 -4.59 -45.16 2.45
CA ARG A 287 -5.98 -45.46 2.77
C ARG A 287 -6.37 -44.99 4.16
N TRP A 288 -5.47 -45.14 5.13
CA TRP A 288 -5.78 -44.72 6.49
C TRP A 288 -5.98 -43.23 6.59
N ALA A 289 -5.36 -42.45 5.71
CA ALA A 289 -5.50 -41.01 5.77
C ALA A 289 -6.95 -40.59 5.56
N PHE A 290 -7.66 -41.26 4.65
CA PHE A 290 -9.06 -40.92 4.41
C PHE A 290 -9.98 -41.42 5.53
N LEU A 291 -9.55 -42.41 6.30
CA LEU A 291 -10.37 -42.91 7.39
C LEU A 291 -10.38 -41.99 8.59
N VAL A 292 -9.45 -41.05 8.69
CA VAL A 292 -9.39 -40.17 9.85
C VAL A 292 -10.61 -39.27 9.94
N ASN A 293 -11.32 -39.04 8.83
CA ASN A 293 -12.47 -38.15 8.86
C ASN A 293 -13.67 -38.80 9.53
N VAL A 294 -13.74 -40.13 9.53
CA VAL A 294 -14.91 -40.81 10.11
C VAL A 294 -15.06 -40.50 11.60
N PRO A 295 -14.04 -40.63 12.44
CA PRO A 295 -14.21 -40.21 13.84
C PRO A 295 -14.63 -38.75 13.99
N ILE A 296 -14.08 -37.86 13.16
CA ILE A 296 -14.46 -36.45 13.26
C ILE A 296 -15.89 -36.26 12.76
N GLY A 297 -16.24 -36.89 11.65
CA GLY A 297 -17.58 -36.72 11.11
C GLY A 297 -18.65 -37.21 12.06
N LEU A 298 -18.40 -38.32 12.75
CA LEU A 298 -19.38 -38.85 13.69
C LEU A 298 -19.62 -37.87 14.84
N VAL A 299 -18.56 -37.26 15.35
CA VAL A 299 -18.71 -36.36 16.50
C VAL A 299 -19.57 -35.17 16.14
N MET A 300 -19.31 -34.55 14.97
CA MET A 300 -20.05 -33.35 14.60
C MET A 300 -21.53 -33.64 14.41
N ILE A 301 -21.86 -34.84 13.92
CA ILE A 301 -23.26 -35.22 13.79
C ILE A 301 -23.91 -35.32 15.16
N TYR A 302 -23.21 -35.94 16.12
CA TYR A 302 -23.76 -36.07 17.46
C TYR A 302 -23.95 -34.71 18.12
N LEU A 303 -22.97 -33.82 17.99
CA LEU A 303 -23.10 -32.50 18.60
C LEU A 303 -24.22 -31.70 17.95
N ALA A 304 -24.31 -31.74 16.62
CA ALA A 304 -25.36 -31.01 15.93
C ALA A 304 -26.73 -31.52 16.31
N ARG A 305 -26.85 -32.82 16.58
CA ARG A 305 -28.16 -33.38 16.94
C ARG A 305 -28.58 -32.95 18.35
N THR A 306 -27.63 -32.83 19.27
CA THR A 306 -27.92 -32.54 20.67
C THR A 306 -27.64 -31.09 21.05
N ALA A 307 -27.46 -30.20 20.08
CA ALA A 307 -27.19 -28.80 20.37
C ALA A 307 -27.98 -27.82 19.51
N LEU A 308 -28.56 -28.24 18.39
CA LEU A 308 -29.27 -27.36 17.47
C LEU A 308 -30.76 -27.68 17.50
N ARG A 309 -31.58 -26.65 17.36
CA ARG A 309 -33.03 -26.79 17.41
C ARG A 309 -33.62 -26.53 16.03
N GLU A 310 -34.66 -27.29 15.69
CA GLU A 310 -35.31 -27.18 14.39
C GLU A 310 -36.32 -26.03 14.43
N THR A 311 -36.14 -25.06 13.53
CA THR A 311 -37.07 -23.93 13.45
C THR A 311 -38.43 -24.40 12.95
N ASN A 312 -39.48 -23.86 13.56
CA ASN A 312 -40.86 -24.20 13.20
C ASN A 312 -41.41 -23.12 12.30
N LYS A 313 -41.06 -23.20 11.02
CA LYS A 313 -41.57 -22.32 9.99
C LYS A 313 -42.03 -23.14 8.80
N GLU A 314 -43.04 -22.64 8.09
CA GLU A 314 -43.57 -23.36 6.95
C GLU A 314 -42.54 -23.42 5.83
N ARG A 315 -42.47 -24.56 5.16
CA ARG A 315 -41.50 -24.74 4.10
C ARG A 315 -41.87 -23.90 2.88
N MET A 316 -40.86 -23.65 2.04
CA MET A 316 -40.99 -22.81 0.86
C MET A 316 -40.81 -23.66 -0.38
N LYS A 317 -41.66 -23.43 -1.38
CA LYS A 317 -41.59 -24.19 -2.63
C LYS A 317 -40.25 -23.92 -3.32
N LEU A 318 -39.59 -24.99 -3.75
CA LEU A 318 -38.30 -24.85 -4.42
C LEU A 318 -38.47 -24.30 -5.82
N ASP A 319 -37.47 -23.53 -6.26
CA ASP A 319 -37.42 -22.99 -7.61
C ASP A 319 -36.87 -24.07 -8.55
N ALA A 320 -37.76 -24.70 -9.30
CA ALA A 320 -37.34 -25.83 -10.13
C ALA A 320 -36.51 -25.37 -11.32
N THR A 321 -37.10 -24.57 -12.21
CA THR A 321 -36.42 -24.22 -13.46
C THR A 321 -35.15 -23.44 -13.20
N GLY A 322 -35.19 -22.49 -12.28
CA GLY A 322 -34.00 -21.72 -11.98
C GLY A 322 -32.88 -22.56 -11.39
N ALA A 323 -33.23 -23.59 -10.63
CA ALA A 323 -32.20 -24.41 -9.99
C ALA A 323 -31.46 -25.28 -10.99
N ILE A 324 -32.19 -25.92 -11.91
CA ILE A 324 -31.53 -26.83 -12.85
C ILE A 324 -30.60 -26.05 -13.79
N LEU A 325 -31.03 -24.87 -14.25
CA LEU A 325 -30.17 -24.08 -15.12
C LEU A 325 -28.92 -23.61 -14.37
N ALA A 326 -29.07 -23.23 -13.10
CA ALA A 326 -27.91 -22.79 -12.33
C ALA A 326 -26.92 -23.92 -12.12
N THR A 327 -27.41 -25.12 -11.80
CA THR A 327 -26.51 -26.27 -11.63
C THR A 327 -25.84 -26.62 -12.94
N LEU A 328 -26.60 -26.59 -14.05
CA LEU A 328 -26.01 -26.92 -15.35
C LEU A 328 -25.02 -25.85 -15.80
N ALA A 329 -25.25 -24.59 -15.42
CA ALA A 329 -24.33 -23.53 -15.81
C ALA A 329 -23.03 -23.61 -15.04
N CYS A 330 -23.11 -23.83 -13.72
CA CYS A 330 -21.89 -23.87 -12.92
C CYS A 330 -21.04 -25.09 -13.23
N THR A 331 -21.67 -26.26 -13.32
CA THR A 331 -20.90 -27.49 -13.59
C THR A 331 -20.21 -27.43 -14.94
N ALA A 332 -20.92 -26.94 -15.97
CA ALA A 332 -20.32 -26.87 -17.29
C ALA A 332 -19.13 -25.92 -17.31
N ALA A 333 -19.21 -24.81 -16.58
CA ALA A 333 -18.09 -23.87 -16.54
C ALA A 333 -16.87 -24.51 -15.88
N VAL A 334 -17.07 -25.25 -14.79
CA VAL A 334 -15.94 -25.88 -14.11
C VAL A 334 -15.33 -26.97 -14.97
N PHE A 335 -16.17 -27.75 -15.66
CA PHE A 335 -15.65 -28.81 -16.51
C PHE A 335 -14.76 -28.24 -17.61
N ALA A 336 -15.22 -27.18 -18.28
CA ALA A 336 -14.45 -26.59 -19.35
C ALA A 336 -13.14 -26.00 -18.85
N PHE A 337 -13.19 -25.31 -17.70
CA PHE A 337 -11.98 -24.72 -17.15
C PHE A 337 -10.96 -25.79 -16.76
N SER A 338 -11.43 -26.88 -16.17
CA SER A 338 -10.52 -27.93 -15.70
C SER A 338 -9.93 -28.71 -16.87
N ILE A 339 -10.77 -29.11 -17.84
CA ILE A 339 -10.32 -29.93 -18.97
C ILE A 339 -9.59 -29.14 -20.03
N GLY A 340 -9.60 -27.81 -19.95
CA GLY A 340 -8.97 -26.98 -20.96
C GLY A 340 -7.50 -27.28 -21.13
N PRO A 341 -6.73 -27.16 -20.05
CA PRO A 341 -5.28 -27.42 -20.17
C PRO A 341 -4.95 -28.81 -20.69
N GLU A 342 -5.74 -29.82 -20.32
CA GLU A 342 -5.45 -31.18 -20.79
C GLU A 342 -5.65 -31.30 -22.30
N LYS A 343 -6.80 -30.87 -22.79
CA LYS A 343 -7.12 -30.97 -24.22
C LYS A 343 -6.75 -29.72 -25.00
N GLY A 344 -6.33 -28.65 -24.34
CA GLY A 344 -6.07 -27.40 -25.00
C GLY A 344 -7.25 -26.45 -24.92
N TRP A 345 -6.94 -25.15 -24.91
CA TRP A 345 -8.00 -24.16 -24.71
C TRP A 345 -8.93 -24.09 -25.92
N MET A 346 -8.44 -24.39 -27.12
CA MET A 346 -9.23 -24.39 -28.33
C MET A 346 -9.37 -25.80 -28.90
N SER A 347 -9.45 -26.80 -28.01
CA SER A 347 -9.54 -28.17 -28.46
C SER A 347 -10.82 -28.42 -29.27
N GLY A 348 -11.94 -27.90 -28.79
CA GLY A 348 -13.23 -28.17 -29.39
C GLY A 348 -14.25 -28.61 -28.36
N ILE A 349 -13.80 -29.39 -27.38
CA ILE A 349 -14.63 -29.72 -26.24
C ILE A 349 -14.51 -28.69 -25.12
N THR A 350 -13.40 -27.95 -25.06
CA THR A 350 -13.26 -26.91 -24.05
C THR A 350 -14.22 -25.77 -24.30
N ILE A 351 -14.10 -25.11 -25.46
CA ILE A 351 -15.08 -24.09 -25.82
C ILE A 351 -16.43 -24.73 -26.10
N GLY A 352 -16.46 -26.00 -26.49
CA GLY A 352 -17.73 -26.68 -26.66
C GLY A 352 -18.52 -26.76 -25.38
N SER A 353 -17.84 -27.02 -24.26
CA SER A 353 -18.50 -26.96 -22.96
C SER A 353 -18.70 -25.52 -22.51
N GLY A 354 -17.83 -24.61 -22.96
CA GLY A 354 -18.04 -23.20 -22.66
C GLY A 354 -19.31 -22.65 -23.28
N LEU A 355 -19.68 -23.14 -24.47
CA LEU A 355 -20.92 -22.71 -25.10
C LEU A 355 -22.13 -23.07 -24.25
N VAL A 356 -22.16 -24.29 -23.71
CA VAL A 356 -23.28 -24.71 -22.89
C VAL A 356 -23.36 -23.84 -21.63
N ALA A 357 -22.22 -23.51 -21.04
CA ALA A 357 -22.24 -22.68 -19.85
C ALA A 357 -22.86 -21.31 -20.12
N LEU A 358 -22.50 -20.69 -21.25
CA LEU A 358 -23.07 -19.40 -21.58
C LEU A 358 -24.55 -19.51 -21.88
N ALA A 359 -24.95 -20.53 -22.64
CA ALA A 359 -26.38 -20.73 -22.92
C ALA A 359 -27.15 -21.00 -21.63
N ALA A 360 -26.60 -21.86 -20.76
CA ALA A 360 -27.26 -22.11 -19.49
C ALA A 360 -27.29 -20.87 -18.61
N ALA A 361 -26.19 -20.12 -18.56
CA ALA A 361 -26.14 -18.91 -17.74
C ALA A 361 -27.14 -17.88 -18.24
N VAL A 362 -27.24 -17.69 -19.56
CA VAL A 362 -28.15 -16.69 -20.10
C VAL A 362 -29.59 -17.05 -19.75
N ALA A 363 -29.99 -18.30 -20.04
CA ALA A 363 -31.37 -18.70 -19.75
C ALA A 363 -31.68 -18.55 -18.27
N PHE A 364 -30.70 -18.81 -17.41
CA PHE A 364 -30.94 -18.73 -15.97
C PHE A 364 -31.38 -17.33 -15.56
N VAL A 365 -30.74 -16.30 -16.11
CA VAL A 365 -31.07 -14.93 -15.72
C VAL A 365 -32.49 -14.56 -16.15
N ILE A 366 -32.90 -14.99 -17.35
CA ILE A 366 -34.20 -14.58 -17.87
C ILE A 366 -35.32 -15.19 -17.03
N VAL A 367 -35.25 -16.48 -16.73
CA VAL A 367 -36.30 -17.13 -15.95
C VAL A 367 -36.22 -16.77 -14.47
N GLU A 368 -35.12 -16.15 -14.02
CA GLU A 368 -35.07 -15.66 -12.65
C GLU A 368 -35.98 -14.47 -12.44
N ARG A 369 -36.30 -13.71 -13.49
CA ARG A 369 -37.11 -12.51 -13.33
C ARG A 369 -38.49 -12.86 -12.80
N THR A 370 -39.10 -13.92 -13.34
CA THR A 370 -40.43 -14.37 -12.94
C THR A 370 -40.34 -15.61 -12.07
N ALA A 371 -39.34 -15.66 -11.20
CA ALA A 371 -39.12 -16.81 -10.32
C ALA A 371 -39.61 -16.48 -8.92
N GLU A 372 -40.41 -17.38 -8.35
CA GLU A 372 -40.90 -17.23 -6.99
C GLU A 372 -39.95 -17.96 -6.05
N ASN A 373 -39.53 -17.28 -4.98
CA ASN A 373 -38.45 -17.74 -4.13
C ASN A 373 -37.18 -17.86 -4.97
N PRO A 374 -36.59 -16.75 -5.42
CA PRO A 374 -35.50 -16.83 -6.39
C PRO A 374 -34.29 -17.56 -5.82
N VAL A 375 -33.59 -18.29 -6.69
CA VAL A 375 -32.34 -18.93 -6.29
C VAL A 375 -31.27 -17.88 -6.05
N VAL A 376 -31.17 -16.89 -6.93
CA VAL A 376 -30.24 -15.77 -6.80
C VAL A 376 -31.05 -14.48 -6.86
N PRO A 377 -31.30 -13.84 -5.70
CA PRO A 377 -32.04 -12.57 -5.74
C PRO A 377 -31.20 -11.40 -6.25
N PHE A 378 -31.18 -11.23 -7.57
CA PHE A 378 -30.37 -10.18 -8.18
C PHE A 378 -30.76 -8.79 -7.68
N HIS A 379 -32.05 -8.56 -7.42
CA HIS A 379 -32.47 -7.26 -6.91
C HIS A 379 -31.82 -6.93 -5.58
N LEU A 380 -31.41 -7.93 -4.80
CA LEU A 380 -30.78 -7.69 -3.51
C LEU A 380 -29.39 -7.09 -3.63
N PHE A 381 -28.76 -7.16 -4.80
CA PHE A 381 -27.43 -6.61 -5.04
C PHE A 381 -27.59 -5.36 -5.89
N ARG A 382 -27.72 -4.21 -5.24
CA ARG A 382 -27.84 -2.92 -5.90
C ARG A 382 -26.54 -2.13 -5.72
N ASP A 383 -26.52 -0.90 -6.22
CA ASP A 383 -25.34 -0.05 -6.14
C ASP A 383 -24.87 0.23 -4.71
N ARG A 384 -25.61 -0.22 -3.70
CA ARG A 384 -25.19 -0.04 -2.32
C ARG A 384 -23.90 -0.82 -2.06
N ASN A 385 -23.41 -0.72 -0.83
CA ASN A 385 -22.12 -1.30 -0.47
C ASN A 385 -22.13 -2.82 -0.40
N ARG A 386 -23.26 -3.47 -0.70
CA ARG A 386 -23.28 -4.92 -0.76
C ARG A 386 -22.34 -5.43 -1.86
N LEU A 387 -22.32 -4.76 -3.01
CA LEU A 387 -21.40 -5.16 -4.07
C LEU A 387 -19.96 -5.02 -3.63
N VAL A 388 -19.64 -3.94 -2.90
CA VAL A 388 -18.27 -3.72 -2.46
C VAL A 388 -17.82 -4.82 -1.51
N THR A 389 -18.69 -5.18 -0.56
CA THR A 389 -18.33 -6.24 0.38
C THR A 389 -18.19 -7.58 -0.32
N PHE A 390 -19.09 -7.87 -1.26
CA PHE A 390 -19.01 -9.14 -1.99
C PHE A 390 -17.89 -9.13 -3.02
N SER A 391 -17.46 -7.96 -3.48
CA SER A 391 -16.29 -7.90 -4.34
C SER A 391 -14.99 -8.05 -3.55
N ALA A 392 -14.96 -7.55 -2.32
CA ALA A 392 -13.75 -7.69 -1.51
C ALA A 392 -13.46 -9.14 -1.18
N ILE A 393 -14.49 -9.91 -0.81
CA ILE A 393 -14.26 -11.31 -0.44
C ILE A 393 -13.79 -12.11 -1.65
N LEU A 394 -14.31 -11.81 -2.84
CA LEU A 394 -13.88 -12.53 -4.03
C LEU A 394 -12.38 -12.40 -4.23
N LEU A 395 -11.87 -11.17 -4.21
CA LEU A 395 -10.44 -10.96 -4.40
C LEU A 395 -9.65 -11.28 -3.12
N ALA A 396 -10.24 -11.04 -1.95
CA ALA A 396 -9.57 -11.41 -0.71
C ALA A 396 -9.37 -12.92 -0.62
N GLY A 397 -10.39 -13.69 -1.02
CA GLY A 397 -10.23 -15.13 -1.04
C GLY A 397 -9.12 -15.58 -1.97
N GLY A 398 -8.96 -14.89 -3.10
CA GLY A 398 -7.87 -15.23 -4.01
C GLY A 398 -6.51 -14.97 -3.40
N VAL A 399 -6.37 -13.86 -2.68
CA VAL A 399 -5.09 -13.55 -2.04
C VAL A 399 -4.76 -14.59 -0.98
N MET A 400 -5.75 -14.98 -0.17
CA MET A 400 -5.51 -15.95 0.88
C MET A 400 -5.14 -17.30 0.30
N PHE A 401 -5.93 -17.80 -0.66
CA PHE A 401 -5.68 -19.13 -1.20
C PHE A 401 -4.31 -19.21 -1.87
N SER A 402 -3.96 -18.22 -2.68
CA SER A 402 -2.68 -18.23 -3.37
C SER A 402 -1.52 -18.06 -2.40
N LEU A 403 -1.76 -17.51 -1.21
CA LEU A 403 -0.69 -17.31 -0.25
C LEU A 403 -0.33 -18.62 0.46
N THR A 404 -1.33 -19.46 0.76
CA THR A 404 -1.05 -20.73 1.42
C THR A 404 -0.46 -21.75 0.47
N VAL A 405 -0.96 -21.80 -0.76
CA VAL A 405 -0.48 -22.80 -1.72
C VAL A 405 0.96 -22.51 -2.11
N CYS A 406 1.33 -21.24 -2.25
CA CYS A 406 2.70 -20.90 -2.62
C CYS A 406 3.65 -21.11 -1.45
N ILE A 407 3.24 -20.72 -0.24
CA ILE A 407 4.10 -20.88 0.92
C ILE A 407 4.33 -22.36 1.19
N GLY A 408 3.29 -23.18 1.02
CA GLY A 408 3.46 -24.62 1.21
C GLY A 408 4.44 -25.22 0.24
N LEU A 409 4.35 -24.84 -1.03
CA LEU A 409 5.29 -25.36 -2.02
C LEU A 409 6.71 -24.87 -1.74
N TYR A 410 6.86 -23.60 -1.36
CA TYR A 410 8.19 -23.06 -1.11
C TYR A 410 8.87 -23.80 0.04
N VAL A 411 8.14 -24.06 1.12
CA VAL A 411 8.73 -24.73 2.28
C VAL A 411 9.13 -26.15 1.91
N GLN A 412 8.27 -26.86 1.20
CA GLN A 412 8.55 -28.26 0.89
C GLN A 412 9.69 -28.40 -0.11
N ASP A 413 9.72 -27.56 -1.14
CA ASP A 413 10.71 -27.70 -2.20
C ASP A 413 12.03 -27.03 -1.82
N ILE A 414 11.99 -25.72 -1.60
CA ILE A 414 13.25 -24.96 -1.43
C ILE A 414 13.91 -25.31 -0.10
N LEU A 415 13.14 -25.35 0.98
CA LEU A 415 13.69 -25.59 2.30
C LEU A 415 13.70 -27.06 2.68
N GLY A 416 12.86 -27.88 2.06
CA GLY A 416 12.90 -29.32 2.27
C GLY A 416 12.57 -29.77 3.68
N TYR A 417 11.51 -29.22 4.28
CA TYR A 417 11.12 -29.66 5.61
C TYR A 417 10.34 -30.97 5.59
N SER A 418 9.61 -31.25 4.51
CA SER A 418 8.74 -32.42 4.37
C SER A 418 7.37 -32.11 4.96
N ALA A 419 6.39 -32.98 4.68
CA ALA A 419 5.01 -32.69 5.05
C ALA A 419 4.83 -32.64 6.56
N LEU A 420 5.37 -33.62 7.28
CA LEU A 420 5.15 -33.69 8.72
C LEU A 420 5.78 -32.50 9.44
N ARG A 421 7.00 -32.13 9.06
CA ARG A 421 7.67 -31.03 9.73
C ARG A 421 7.02 -29.70 9.37
N ALA A 422 6.56 -29.54 8.13
CA ALA A 422 5.89 -28.31 7.74
C ALA A 422 4.63 -28.09 8.55
N GLY A 423 3.83 -29.15 8.74
CA GLY A 423 2.61 -29.00 9.51
C GLY A 423 2.88 -28.61 10.95
N VAL A 424 3.89 -29.21 11.57
CA VAL A 424 4.23 -28.88 12.94
C VAL A 424 4.77 -27.45 13.02
N GLY A 425 5.49 -27.01 12.00
CA GLY A 425 6.04 -25.67 12.00
C GLY A 425 5.02 -24.57 11.77
N PHE A 426 3.84 -24.93 11.29
CA PHE A 426 2.76 -23.96 11.08
C PHE A 426 1.80 -23.89 12.26
N ILE A 427 2.03 -24.66 13.31
CA ILE A 427 1.17 -24.56 14.50
C ILE A 427 1.14 -23.14 15.03
N PRO A 428 2.25 -22.39 15.08
CA PRO A 428 2.15 -21.00 15.52
C PRO A 428 1.19 -20.16 14.71
N PHE A 429 1.00 -20.47 13.42
CA PHE A 429 0.03 -19.71 12.63
C PHE A 429 -1.37 -19.86 13.18
N VAL A 430 -1.77 -21.08 13.55
CA VAL A 430 -3.09 -21.28 14.12
C VAL A 430 -3.22 -20.52 15.44
N ILE A 431 -2.21 -20.62 16.30
CA ILE A 431 -2.23 -19.88 17.56
C ILE A 431 -2.22 -18.39 17.29
N ALA A 432 -1.40 -17.94 16.35
CA ALA A 432 -1.37 -16.53 16.00
C ALA A 432 -2.70 -16.07 15.43
N MET A 433 -3.30 -16.88 14.57
CA MET A 433 -4.61 -16.52 14.01
C MET A 433 -5.69 -16.54 15.10
N GLY A 434 -5.58 -17.48 16.04
CA GLY A 434 -6.56 -17.53 17.11
C GLY A 434 -6.59 -16.26 17.93
N ILE A 435 -5.41 -15.66 18.16
CA ILE A 435 -5.36 -14.40 18.89
C ILE A 435 -6.05 -13.29 18.10
N GLY A 436 -5.80 -13.25 16.79
CA GLY A 436 -6.42 -12.21 15.97
C GLY A 436 -7.93 -12.30 15.96
N LEU A 437 -8.47 -13.51 15.81
CA LEU A 437 -9.92 -13.68 15.83
C LEU A 437 -10.50 -13.34 17.20
N GLY A 438 -9.81 -13.74 18.27
CA GLY A 438 -10.32 -13.44 19.60
C GLY A 438 -10.38 -11.95 19.88
N VAL A 439 -9.34 -11.22 19.49
CA VAL A 439 -9.33 -9.78 19.72
C VAL A 439 -10.37 -9.09 18.86
N SER A 440 -10.47 -9.47 17.58
CA SER A 440 -11.37 -8.78 16.67
C SER A 440 -12.83 -8.94 17.08
N SER A 441 -13.19 -10.07 17.69
CA SER A 441 -14.58 -10.27 18.10
C SER A 441 -15.01 -9.23 19.13
N GLN A 442 -14.09 -8.82 20.00
CA GLN A 442 -14.43 -7.81 21.01
C GLN A 442 -14.47 -6.41 20.41
N LEU A 443 -13.55 -6.11 19.50
CA LEU A 443 -13.46 -4.76 18.94
C LEU A 443 -14.52 -4.48 17.89
N VAL A 444 -15.13 -5.51 17.30
CA VAL A 444 -16.07 -5.29 16.21
C VAL A 444 -17.31 -4.53 16.66
N SER A 445 -17.58 -4.49 17.97
CA SER A 445 -18.73 -3.77 18.49
C SER A 445 -18.47 -2.29 18.71
N ARG A 446 -17.23 -1.83 18.52
CA ARG A 446 -16.86 -0.44 18.74
C ARG A 446 -16.29 0.25 17.51
N PHE A 447 -15.61 -0.48 16.63
CA PHE A 447 -15.03 0.07 15.41
C PHE A 447 -15.72 -0.52 14.19
N SER A 448 -15.88 0.30 13.16
CA SER A 448 -16.55 -0.14 11.95
C SER A 448 -15.72 -1.20 11.23
N PRO A 449 -16.34 -2.04 10.40
CA PRO A 449 -15.56 -3.04 9.66
C PRO A 449 -14.53 -2.44 8.73
N ARG A 450 -14.67 -1.17 8.37
CA ARG A 450 -13.72 -0.55 7.45
C ARG A 450 -12.33 -0.44 8.09
N VAL A 451 -12.26 0.09 9.30
CA VAL A 451 -10.95 0.31 9.93
C VAL A 451 -10.32 -1.01 10.33
N LEU A 452 -11.11 -1.96 10.84
CA LEU A 452 -10.55 -3.24 11.26
C LEU A 452 -9.97 -4.00 10.07
N THR A 453 -10.67 -4.01 8.94
CA THR A 453 -10.14 -4.69 7.76
C THR A 453 -8.84 -4.04 7.29
N ILE A 454 -8.80 -2.71 7.26
CA ILE A 454 -7.58 -2.02 6.88
C ILE A 454 -6.50 -2.23 7.93
N GLY A 455 -6.86 -2.17 9.21
CA GLY A 455 -5.89 -2.39 10.26
C GLY A 455 -5.31 -3.79 10.23
N GLY A 456 -6.17 -4.80 10.02
CA GLY A 456 -5.68 -6.16 9.94
C GLY A 456 -4.83 -6.39 8.71
N GLY A 457 -5.23 -5.81 7.57
CA GLY A 457 -4.46 -5.98 6.35
C GLY A 457 -3.14 -5.24 6.38
N TYR A 458 -3.05 -4.17 7.18
CA TYR A 458 -1.80 -3.44 7.29
C TYR A 458 -0.71 -4.29 7.90
N LEU A 459 -1.05 -5.09 8.91
CA LEU A 459 -0.07 -6.01 9.51
C LEU A 459 0.34 -7.08 8.51
N LEU A 460 -0.62 -7.64 7.77
CA LEU A 460 -0.29 -8.66 6.78
C LEU A 460 0.59 -8.09 5.67
N PHE A 461 0.33 -6.86 5.25
CA PHE A 461 1.14 -6.25 4.20
C PHE A 461 2.59 -6.18 4.61
N GLY A 462 2.86 -5.81 5.87
CA GLY A 462 4.23 -5.79 6.35
C GLY A 462 4.86 -7.17 6.40
N ALA A 463 4.05 -8.19 6.72
CA ALA A 463 4.59 -9.54 6.79
C ALA A 463 5.06 -10.03 5.43
N MET A 464 4.28 -9.78 4.38
CA MET A 464 4.68 -10.21 3.04
C MET A 464 5.94 -9.49 2.59
N LEU A 465 6.04 -8.19 2.86
CA LEU A 465 7.23 -7.44 2.43
C LEU A 465 8.49 -7.98 3.09
N TYR A 466 8.43 -8.28 4.39
CA TYR A 466 9.61 -8.83 5.06
C TYR A 466 9.98 -10.17 4.45
N GLY A 467 9.00 -11.02 4.18
CA GLY A 467 9.28 -12.31 3.56
C GLY A 467 9.72 -12.20 2.12
N SER A 468 9.50 -11.07 1.49
CA SER A 468 9.91 -10.86 0.11
C SER A 468 11.33 -10.31 -0.02
N PHE A 469 12.00 -10.01 1.09
CA PHE A 469 13.34 -9.46 1.05
C PHE A 469 14.38 -10.27 1.83
N PHE A 470 13.98 -11.12 2.76
CA PHE A 470 14.91 -11.81 3.65
C PHE A 470 14.51 -13.27 3.81
N MET A 471 14.16 -13.92 2.70
CA MET A 471 13.61 -15.28 2.72
C MET A 471 14.32 -16.16 1.70
N HIS A 472 15.66 -16.16 1.75
CA HIS A 472 16.41 -17.05 0.88
C HIS A 472 16.58 -18.42 1.54
N ARG A 473 17.08 -19.37 0.76
CA ARG A 473 17.27 -20.72 1.25
C ARG A 473 18.40 -20.77 2.28
N GLY A 474 18.23 -21.62 3.29
CA GLY A 474 19.26 -21.86 4.28
C GLY A 474 19.14 -21.04 5.54
N VAL A 475 18.13 -20.20 5.67
CA VAL A 475 17.95 -19.39 6.87
C VAL A 475 17.43 -20.27 8.00
N PRO A 476 17.63 -19.90 9.26
CA PRO A 476 17.10 -20.71 10.36
C PRO A 476 15.59 -20.64 10.44
N TYR A 477 15.00 -21.31 11.43
CA TYR A 477 13.54 -21.38 11.54
C TYR A 477 13.00 -20.28 12.45
N PHE A 478 13.39 -20.27 13.72
CA PHE A 478 12.76 -19.36 14.67
C PHE A 478 13.01 -17.90 14.33
N PRO A 479 14.24 -17.43 14.10
CA PRO A 479 14.42 -16.01 13.76
C PRO A 479 13.62 -15.56 12.54
N ASN A 480 13.75 -16.24 11.41
CA ASN A 480 13.31 -15.71 10.13
C ASN A 480 11.94 -16.20 9.69
N LEU A 481 11.61 -17.48 9.89
CA LEU A 481 10.38 -18.03 9.35
C LEU A 481 9.20 -17.96 10.31
N VAL A 482 9.45 -17.89 11.62
CA VAL A 482 8.35 -17.90 12.57
C VAL A 482 7.73 -16.51 12.71
N MET A 483 8.55 -15.48 12.81
CA MET A 483 8.01 -14.14 13.06
C MET A 483 7.08 -13.65 11.96
N PRO A 484 7.45 -13.69 10.67
CA PRO A 484 6.51 -13.23 9.65
C PRO A 484 5.21 -14.03 9.62
N ILE A 485 5.27 -15.33 9.89
CA ILE A 485 4.05 -16.12 9.91
C ILE A 485 3.14 -15.68 11.05
N VAL A 486 3.71 -15.46 12.23
CA VAL A 486 2.90 -15.07 13.38
C VAL A 486 2.26 -13.71 13.14
N VAL A 487 3.02 -12.74 12.65
CA VAL A 487 2.46 -11.42 12.37
C VAL A 487 1.43 -11.51 11.26
N GLY A 488 1.72 -12.26 10.20
CA GLY A 488 0.76 -12.42 9.13
C GLY A 488 -0.51 -13.09 9.60
N GLY A 489 -0.41 -14.02 10.54
CA GLY A 489 -1.58 -14.69 11.06
C GLY A 489 -2.50 -13.75 11.83
N ILE A 490 -1.91 -12.88 12.65
CA ILE A 490 -2.73 -11.94 13.42
C ILE A 490 -3.44 -10.97 12.49
N GLY A 491 -2.75 -10.50 11.45
CA GLY A 491 -3.38 -9.59 10.51
C GLY A 491 -4.57 -10.21 9.79
N ILE A 492 -4.44 -11.47 9.39
CA ILE A 492 -5.56 -12.14 8.72
C ILE A 492 -6.70 -12.36 9.70
N GLY A 493 -6.39 -12.77 10.92
CA GLY A 493 -7.44 -13.03 11.89
C GLY A 493 -8.27 -11.79 12.20
N MET A 494 -7.63 -10.62 12.21
CA MET A 494 -8.35 -9.39 12.51
C MET A 494 -9.30 -9.00 11.39
N ALA A 495 -8.95 -9.31 10.14
CA ALA A 495 -9.75 -8.87 9.00
C ALA A 495 -10.83 -9.86 8.61
N VAL A 496 -10.73 -11.12 9.02
CA VAL A 496 -11.71 -12.12 8.60
C VAL A 496 -13.06 -11.87 9.28
N VAL A 497 -13.03 -11.58 10.59
CA VAL A 497 -14.29 -11.44 11.32
C VAL A 497 -15.14 -10.28 10.82
N PRO A 498 -14.62 -9.05 10.67
CA PRO A 498 -15.48 -7.98 10.16
C PRO A 498 -16.07 -8.25 8.79
N LEU A 499 -15.31 -8.89 7.91
CA LEU A 499 -15.83 -9.18 6.56
C LEU A 499 -16.99 -10.17 6.62
N THR A 500 -16.86 -11.22 7.42
CA THR A 500 -17.92 -12.23 7.47
C THR A 500 -19.20 -11.65 8.05
N LEU A 501 -19.08 -10.82 9.09
CA LEU A 501 -20.27 -10.25 9.71
C LEU A 501 -21.03 -9.35 8.74
N SER A 502 -20.30 -8.54 7.97
CA SER A 502 -20.95 -7.62 7.04
C SER A 502 -21.52 -8.32 5.82
N ALA A 503 -21.05 -9.54 5.52
CA ALA A 503 -21.59 -10.28 4.39
C ALA A 503 -22.98 -10.85 4.67
N ILE A 504 -23.36 -10.99 5.93
CA ILE A 504 -24.63 -11.57 6.32
C ILE A 504 -25.45 -10.56 7.12
N ALA A 505 -25.27 -9.28 6.81
CA ALA A 505 -25.88 -8.21 7.58
C ALA A 505 -27.08 -7.65 6.82
N GLY A 506 -28.20 -7.49 7.53
CA GLY A 506 -29.39 -6.89 6.97
C GLY A 506 -30.01 -7.65 5.81
N VAL A 507 -30.17 -8.96 5.96
CA VAL A 507 -30.76 -9.82 4.94
C VAL A 507 -32.13 -10.33 5.38
N GLY A 508 -32.19 -11.05 6.49
CA GLY A 508 -33.44 -11.62 6.98
C GLY A 508 -33.35 -13.13 7.15
N PHE A 509 -34.51 -13.80 7.15
CA PHE A 509 -34.55 -15.25 7.21
C PHE A 509 -35.00 -15.90 5.91
N ASP A 510 -35.69 -15.17 5.04
CA ASP A 510 -36.15 -15.72 3.78
C ASP A 510 -35.15 -15.54 2.64
N GLN A 511 -34.03 -14.86 2.89
CA GLN A 511 -33.00 -14.70 1.86
C GLN A 511 -31.60 -14.91 2.41
N ILE A 512 -31.47 -15.38 3.66
CA ILE A 512 -30.14 -15.67 4.19
C ILE A 512 -29.54 -16.89 3.50
N GLY A 513 -30.39 -17.82 3.05
CA GLY A 513 -29.92 -19.01 2.39
C GLY A 513 -29.08 -18.71 1.16
N PRO A 514 -29.71 -18.15 0.12
CA PRO A 514 -28.96 -17.85 -1.10
C PRO A 514 -27.82 -16.87 -0.89
N VAL A 515 -27.97 -15.89 0.02
CA VAL A 515 -26.89 -14.93 0.24
C VAL A 515 -25.68 -15.60 0.86
N SER A 516 -25.90 -16.56 1.77
CA SER A 516 -24.78 -17.30 2.34
C SER A 516 -24.07 -18.13 1.28
N ALA A 517 -24.83 -18.73 0.36
CA ALA A 517 -24.22 -19.53 -0.69
C ALA A 517 -23.36 -18.67 -1.61
N ILE A 518 -23.85 -17.47 -1.96
CA ILE A 518 -23.10 -16.60 -2.85
C ILE A 518 -21.80 -16.14 -2.19
N ALA A 519 -21.83 -15.92 -0.87
CA ALA A 519 -20.65 -15.43 -0.19
C ALA A 519 -19.51 -16.46 -0.25
N LEU A 520 -19.84 -17.74 -0.10
CA LEU A 520 -18.80 -18.77 -0.07
C LEU A 520 -18.27 -19.07 -1.46
N MET A 521 -19.13 -19.09 -2.49
CA MET A 521 -18.65 -19.37 -3.84
C MET A 521 -17.65 -18.32 -4.29
N LEU A 522 -17.94 -17.05 -4.02
CA LEU A 522 -17.01 -15.99 -4.41
C LEU A 522 -15.67 -16.16 -3.70
N GLN A 523 -15.71 -16.57 -2.42
CA GLN A 523 -14.47 -16.88 -1.72
C GLN A 523 -13.73 -18.04 -2.37
N SER A 524 -14.46 -19.08 -2.76
CA SER A 524 -13.84 -20.24 -3.40
C SER A 524 -13.46 -19.95 -4.84
N LEU A 525 -14.29 -19.18 -5.55
CA LEU A 525 -14.01 -18.91 -6.96
C LEU A 525 -12.78 -18.03 -7.13
N GLY A 526 -12.52 -17.13 -6.19
CA GLY A 526 -11.38 -16.25 -6.31
C GLY A 526 -10.03 -16.93 -6.13
N GLY A 527 -10.03 -18.15 -5.59
CA GLY A 527 -8.80 -18.87 -5.36
C GLY A 527 -8.08 -19.21 -6.64
N PRO A 528 -8.68 -20.08 -7.46
CA PRO A 528 -8.01 -20.48 -8.71
C PRO A 528 -7.68 -19.33 -9.63
N LEU A 529 -8.52 -18.30 -9.70
CA LEU A 529 -8.28 -17.21 -10.64
C LEU A 529 -7.00 -16.45 -10.29
N VAL A 530 -6.87 -16.03 -9.03
CA VAL A 530 -5.67 -15.29 -8.64
C VAL A 530 -4.45 -16.19 -8.66
N LEU A 531 -4.61 -17.45 -8.24
CA LEU A 531 -3.47 -18.36 -8.21
C LEU A 531 -2.91 -18.59 -9.62
N ALA A 532 -3.78 -18.67 -10.62
CA ALA A 532 -3.30 -18.89 -11.98
C ALA A 532 -2.38 -17.77 -12.44
N VAL A 533 -2.73 -16.52 -12.12
CA VAL A 533 -1.88 -15.40 -12.49
C VAL A 533 -0.54 -15.48 -11.78
N ILE A 534 -0.56 -15.78 -10.48
CA ILE A 534 0.68 -15.80 -9.70
C ILE A 534 1.61 -16.89 -10.22
N GLN A 535 1.07 -18.09 -10.46
CA GLN A 535 1.91 -19.18 -10.96
C GLN A 535 2.51 -18.84 -12.31
N ALA A 536 1.75 -18.14 -13.16
CA ALA A 536 2.28 -17.72 -14.46
C ALA A 536 3.46 -16.77 -14.27
N VAL A 537 3.36 -15.86 -13.31
CA VAL A 537 4.48 -14.96 -13.01
C VAL A 537 5.68 -15.74 -12.51
N ILE A 538 5.45 -16.74 -11.66
CA ILE A 538 6.56 -17.53 -11.11
C ILE A 538 7.31 -18.24 -12.24
N THR A 539 6.58 -18.88 -13.14
CA THR A 539 7.23 -19.62 -14.22
C THR A 539 8.01 -18.70 -15.15
N SER A 540 7.43 -17.54 -15.47
CA SER A 540 8.08 -16.66 -16.44
C SER A 540 9.42 -16.17 -15.93
N ARG A 541 9.50 -15.79 -14.66
CA ARG A 541 10.77 -15.31 -14.10
C ARG A 541 11.75 -16.44 -13.83
N THR A 542 11.27 -17.67 -13.64
CA THR A 542 12.19 -18.79 -13.45
C THR A 542 13.03 -19.01 -14.69
N LEU A 543 12.43 -18.92 -15.87
CA LEU A 543 13.20 -19.05 -17.11
C LEU A 543 14.08 -17.84 -17.35
N TYR A 544 13.62 -16.65 -16.97
CA TYR A 544 14.41 -15.44 -17.20
C TYR A 544 15.72 -15.49 -16.43
N LEU A 545 15.66 -15.81 -15.14
CA LEU A 545 16.87 -15.87 -14.32
C LEU A 545 17.74 -17.07 -14.64
N GLY A 546 17.26 -18.00 -15.45
CA GLY A 546 17.97 -19.23 -15.75
C GLY A 546 17.41 -20.37 -14.95
N GLY A 547 16.53 -21.15 -15.57
CA GLY A 547 15.76 -22.16 -14.86
C GLY A 547 15.32 -23.26 -15.80
N THR A 548 14.69 -24.26 -15.22
CA THR A 548 14.16 -25.39 -15.98
C THR A 548 12.77 -25.72 -15.45
N THR A 549 11.87 -26.05 -16.37
CA THR A 549 10.50 -26.44 -16.02
C THR A 549 10.45 -27.96 -15.88
N GLY A 550 10.13 -28.44 -14.68
CA GLY A 550 10.07 -29.85 -14.40
C GLY A 550 10.18 -30.14 -12.93
N PRO A 551 10.31 -31.41 -12.56
CA PRO A 551 10.43 -31.76 -11.14
C PRO A 551 11.64 -31.08 -10.51
N VAL A 552 11.48 -30.65 -9.26
CA VAL A 552 12.55 -29.94 -8.56
C VAL A 552 13.73 -30.86 -8.27
N LYS A 553 13.50 -32.18 -8.21
CA LYS A 553 14.57 -33.09 -7.79
C LYS A 553 15.69 -33.14 -8.81
N PHE A 554 15.40 -32.91 -10.10
CA PHE A 554 16.43 -32.86 -11.13
C PHE A 554 16.78 -31.40 -11.38
N MET A 555 17.62 -30.86 -10.51
CA MET A 555 18.07 -29.48 -10.59
C MET A 555 19.51 -29.44 -10.11
N ASN A 556 20.30 -28.53 -10.69
CA ASN A 556 21.75 -28.55 -10.51
C ASN A 556 22.22 -27.66 -9.37
N ASP A 557 21.31 -27.15 -8.54
CA ASP A 557 21.54 -26.21 -7.45
C ASP A 557 21.89 -24.80 -7.92
N VAL A 558 22.05 -24.58 -9.23
CA VAL A 558 22.04 -23.24 -9.79
C VAL A 558 20.71 -22.93 -10.45
N GLN A 559 20.04 -23.91 -11.04
CA GLN A 559 18.66 -23.69 -11.45
C GLN A 559 17.77 -23.53 -10.24
N LEU A 560 18.07 -24.25 -9.15
CA LEU A 560 17.28 -24.16 -7.94
C LEU A 560 17.29 -22.74 -7.37
N ALA A 561 18.45 -22.10 -7.35
CA ALA A 561 18.54 -20.74 -6.85
C ALA A 561 17.63 -19.80 -7.64
N ALA A 562 17.52 -20.03 -8.95
CA ALA A 562 16.58 -19.26 -9.75
C ALA A 562 15.14 -19.48 -9.30
N LEU A 563 14.79 -20.73 -8.99
CA LEU A 563 13.46 -21.01 -8.48
C LEU A 563 13.23 -20.32 -7.14
N ASP A 564 14.26 -20.29 -6.29
CA ASP A 564 14.13 -19.62 -5.01
C ASP A 564 13.79 -18.15 -5.18
N HIS A 565 14.49 -17.47 -6.09
CA HIS A 565 14.24 -16.05 -6.31
C HIS A 565 12.96 -15.79 -7.09
N ALA A 566 12.49 -16.78 -7.86
CA ALA A 566 11.19 -16.62 -8.52
C ALA A 566 10.06 -16.57 -7.51
N TYR A 567 10.09 -17.45 -6.50
CA TYR A 567 9.04 -17.45 -5.50
C TYR A 567 9.01 -16.16 -4.70
N THR A 568 10.18 -15.65 -4.34
CA THR A 568 10.24 -14.39 -3.61
C THR A 568 9.69 -13.25 -4.45
N TYR A 569 9.99 -13.24 -5.75
CA TYR A 569 9.44 -12.22 -6.64
C TYR A 569 7.92 -12.30 -6.69
N GLY A 570 7.37 -13.51 -6.78
CA GLY A 570 5.93 -13.64 -6.86
C GLY A 570 5.22 -13.10 -5.63
N LEU A 571 5.89 -13.11 -4.48
CA LEU A 571 5.28 -12.59 -3.27
C LEU A 571 4.97 -11.11 -3.37
N LEU A 572 5.72 -10.37 -4.21
CA LEU A 572 5.38 -8.96 -4.43
C LEU A 572 4.06 -8.82 -5.17
N TRP A 573 3.81 -9.69 -6.15
CA TRP A 573 2.55 -9.63 -6.88
C TRP A 573 1.37 -9.88 -5.96
N VAL A 574 1.50 -10.84 -5.05
CA VAL A 574 0.43 -11.10 -4.09
C VAL A 574 0.20 -9.88 -3.22
N ALA A 575 1.28 -9.22 -2.80
CA ALA A 575 1.14 -8.00 -2.01
C ALA A 575 0.44 -6.91 -2.83
N GLY A 576 0.76 -6.82 -4.11
CA GLY A 576 0.08 -5.84 -4.96
C GLY A 576 -1.42 -6.08 -5.03
N ALA A 577 -1.83 -7.34 -5.14
CA ALA A 577 -3.25 -7.65 -5.13
C ALA A 577 -3.89 -7.30 -3.79
N ALA A 578 -3.15 -7.43 -2.70
CA ALA A 578 -3.69 -7.07 -1.40
C ALA A 578 -3.97 -5.57 -1.30
N ILE A 579 -3.18 -4.75 -1.99
CA ILE A 579 -3.42 -3.30 -1.98
C ILE A 579 -4.77 -2.98 -2.61
N ILE A 580 -5.10 -3.68 -3.71
CA ILE A 580 -6.37 -3.45 -4.37
C ILE A 580 -7.53 -3.81 -3.44
N VAL A 581 -7.40 -4.92 -2.71
CA VAL A 581 -8.46 -5.31 -1.77
C VAL A 581 -8.64 -4.23 -0.72
N GLY A 582 -7.54 -3.72 -0.16
CA GLY A 582 -7.64 -2.65 0.81
C GLY A 582 -8.28 -1.40 0.23
N GLY A 583 -7.88 -1.03 -0.99
CA GLY A 583 -8.45 0.16 -1.60
C GLY A 583 -9.95 0.03 -1.85
N MET A 584 -10.39 -1.15 -2.29
CA MET A 584 -11.81 -1.36 -2.51
C MET A 584 -12.57 -1.57 -1.20
N ALA A 585 -11.87 -1.79 -0.10
CA ALA A 585 -12.50 -1.93 1.20
C ALA A 585 -12.81 -0.59 1.85
N LEU A 586 -12.32 0.52 1.29
CA LEU A 586 -12.63 1.84 1.83
C LEU A 586 -14.06 2.27 1.50
N PHE A 587 -14.75 1.57 0.61
CA PHE A 587 -16.08 1.94 0.16
C PHE A 587 -17.18 1.19 0.89
N ILE A 588 -16.84 0.36 1.87
CA ILE A 588 -17.84 -0.46 2.54
C ILE A 588 -18.85 0.42 3.27
N GLY A 589 -18.38 1.18 4.24
CA GLY A 589 -19.22 2.16 4.90
C GLY A 589 -20.24 1.62 5.88
N TYR A 590 -20.14 0.35 6.26
CA TYR A 590 -21.03 -0.18 7.29
C TYR A 590 -20.65 0.39 8.65
N THR A 591 -21.67 0.66 9.47
CA THR A 591 -21.46 1.11 10.83
C THR A 591 -21.47 -0.08 11.78
N PRO A 592 -20.83 0.02 12.96
CA PRO A 592 -20.86 -1.11 13.89
C PRO A 592 -22.26 -1.46 14.37
N GLN A 593 -23.21 -0.52 14.31
CA GLN A 593 -24.57 -0.82 14.75
C GLN A 593 -25.22 -1.86 13.86
N GLN A 594 -24.94 -1.83 12.56
CA GLN A 594 -25.63 -2.73 11.63
C GLN A 594 -25.03 -4.13 11.67
N VAL A 595 -23.71 -4.24 11.47
CA VAL A 595 -23.09 -5.55 11.41
C VAL A 595 -23.20 -6.28 12.74
N ALA A 596 -22.98 -5.57 13.84
CA ALA A 596 -23.00 -6.18 15.18
C ALA A 596 -23.64 -5.17 16.12
N HIS A 597 -23.48 -5.41 17.42
CA HIS A 597 -23.93 -4.47 18.45
C HIS A 597 -25.44 -4.23 18.36
N ALA A 598 -26.19 -5.31 18.60
CA ALA A 598 -27.64 -5.23 18.61
C ALA A 598 -28.25 -6.29 19.51
N ARG B 129 35.71 18.62 15.74
CA ARG B 129 35.30 20.00 15.53
C ARG B 129 35.34 20.35 14.05
N SER B 130 36.41 19.92 13.38
CA SER B 130 36.55 20.24 11.95
C SER B 130 35.43 19.59 11.14
N PHE B 131 35.17 18.30 11.39
CA PHE B 131 34.10 17.63 10.67
C PHE B 131 32.74 18.23 11.00
N ILE B 132 32.49 18.53 12.27
CA ILE B 132 31.20 19.09 12.66
C ILE B 132 30.99 20.44 11.99
N ALA B 133 32.04 21.27 11.98
CA ALA B 133 31.93 22.57 11.35
C ALA B 133 31.72 22.46 9.84
N ALA B 134 32.25 21.41 9.22
CA ALA B 134 32.12 21.27 7.78
C ALA B 134 30.70 20.88 7.39
N VAL B 135 30.11 19.90 8.09
CA VAL B 135 28.77 19.45 7.74
C VAL B 135 27.74 20.55 7.97
N ILE B 136 27.87 21.28 9.08
CA ILE B 136 26.92 22.35 9.37
C ILE B 136 27.00 23.43 8.30
N ALA B 137 28.22 23.82 7.91
CA ALA B 137 28.36 24.88 6.93
C ALA B 137 27.76 24.49 5.60
N ILE B 138 27.96 23.24 5.18
CA ILE B 138 27.48 22.81 3.87
C ILE B 138 25.96 22.85 3.80
N GLY B 139 25.29 22.43 4.87
CA GLY B 139 23.85 22.43 4.91
C GLY B 139 23.23 23.75 5.33
N GLY B 140 24.03 24.81 5.41
CA GLY B 140 23.51 26.08 5.92
C GLY B 140 22.38 26.65 5.09
N MET B 141 22.54 26.63 3.76
CA MET B 141 21.55 27.26 2.90
C MET B 141 20.20 26.53 2.95
N GLN B 142 20.19 25.25 3.30
CA GLN B 142 18.92 24.56 3.49
C GLN B 142 18.16 25.13 4.68
N LEU B 143 18.88 25.45 5.76
CA LEU B 143 18.22 26.03 6.93
C LEU B 143 17.66 27.40 6.62
N LEU B 144 18.41 28.24 5.90
CA LEU B 144 17.94 29.59 5.61
C LEU B 144 16.79 29.58 4.62
N ALA B 145 16.91 28.81 3.53
CA ALA B 145 15.88 28.83 2.50
C ALA B 145 14.54 28.35 3.03
N THR B 146 14.54 27.27 3.81
CA THR B 146 13.29 26.74 4.33
C THR B 146 12.70 27.65 5.40
N MET B 147 13.56 28.24 6.24
CA MET B 147 13.07 29.15 7.28
C MET B 147 12.46 30.41 6.67
N ASP B 148 13.10 30.98 5.64
CA ASP B 148 12.62 32.22 5.08
C ASP B 148 11.23 32.06 4.46
N SER B 149 11.01 30.97 3.73
CA SER B 149 9.70 30.76 3.11
C SER B 149 8.61 30.62 4.15
N THR B 150 8.90 29.91 5.25
CA THR B 150 7.90 29.72 6.29
C THR B 150 7.59 31.01 7.03
N VAL B 151 8.61 31.85 7.24
CA VAL B 151 8.38 33.12 7.94
C VAL B 151 7.58 34.08 7.06
N ALA B 152 7.87 34.11 5.76
CA ALA B 152 7.16 35.04 4.87
C ALA B 152 5.67 34.75 4.85
N ILE B 153 5.29 33.47 4.74
CA ILE B 153 3.87 33.14 4.63
C ILE B 153 3.14 33.53 5.90
N VAL B 154 3.80 33.39 7.05
CA VAL B 154 3.15 33.69 8.32
C VAL B 154 2.88 35.19 8.45
N ALA B 155 3.79 36.02 7.96
CA ALA B 155 3.69 37.46 8.11
C ALA B 155 2.97 38.14 6.95
N LEU B 156 2.43 37.36 6.01
CA LEU B 156 1.70 37.96 4.89
C LEU B 156 0.52 38.82 5.34
N PRO B 157 -0.31 38.40 6.29
CA PRO B 157 -1.49 39.23 6.63
C PRO B 157 -1.16 40.64 7.07
N LYS B 158 -0.09 40.84 7.84
CA LYS B 158 0.22 42.19 8.32
C LYS B 158 0.85 43.06 7.24
N ILE B 159 1.57 42.46 6.29
CA ILE B 159 2.17 43.27 5.23
C ILE B 159 1.09 44.00 4.45
N GLN B 160 -0.13 43.43 4.42
CA GLN B 160 -1.26 44.16 3.84
C GLN B 160 -1.61 45.37 4.69
N ASN B 161 -1.64 45.20 6.01
CA ASN B 161 -2.17 46.26 6.87
C ASN B 161 -1.26 47.48 6.90
N GLU B 162 0.05 47.30 6.70
CA GLU B 162 0.98 48.43 6.71
C GLU B 162 1.22 48.97 5.31
N LEU B 163 1.76 48.12 4.41
CA LEU B 163 2.07 48.58 3.07
C LEU B 163 0.80 48.89 2.27
N SER B 164 -0.30 48.20 2.57
CA SER B 164 -1.54 48.37 1.82
C SER B 164 -1.33 48.01 0.35
N LEU B 165 -0.74 46.84 0.12
CA LEU B 165 -0.46 46.39 -1.24
C LEU B 165 -1.65 45.69 -1.89
N SER B 166 -2.78 45.59 -1.19
CA SER B 166 -4.01 45.07 -1.78
C SER B 166 -3.93 43.57 -1.98
N ASP B 167 -5.03 42.96 -2.44
CA ASP B 167 -5.04 41.52 -2.66
C ASP B 167 -4.15 41.12 -3.83
N ALA B 168 -4.06 41.97 -4.85
CA ALA B 168 -3.18 41.65 -5.98
C ALA B 168 -1.73 41.51 -5.52
N GLY B 169 -1.27 42.46 -4.70
CA GLY B 169 0.08 42.41 -4.18
C GLY B 169 0.35 41.26 -3.22
N ARG B 170 -0.70 40.57 -2.77
CA ARG B 170 -0.50 39.49 -1.82
C ARG B 170 0.38 38.39 -2.39
N SER B 171 0.19 38.05 -3.66
CA SER B 171 0.91 36.93 -4.27
C SER B 171 2.22 37.34 -4.94
N TRP B 172 2.39 38.63 -5.26
CA TRP B 172 3.63 39.03 -5.90
C TRP B 172 4.83 38.88 -4.96
N VAL B 173 4.63 39.12 -3.66
CA VAL B 173 5.75 39.00 -2.73
C VAL B 173 6.24 37.56 -2.68
N ILE B 174 5.32 36.60 -2.79
CA ILE B 174 5.71 35.19 -2.79
C ILE B 174 6.22 34.77 -4.16
N THR B 175 5.46 35.04 -5.22
CA THR B 175 5.86 34.62 -6.55
C THR B 175 7.14 35.31 -7.00
N ALA B 176 7.47 36.48 -6.43
CA ALA B 176 8.71 37.14 -6.78
C ALA B 176 9.92 36.31 -6.36
N TYR B 177 9.88 35.73 -5.16
CA TYR B 177 10.98 34.91 -4.71
C TYR B 177 11.09 33.62 -5.52
N VAL B 178 9.95 33.00 -5.86
CA VAL B 178 9.97 31.77 -6.62
C VAL B 178 10.28 32.00 -8.10
N LEU B 179 9.98 33.19 -8.63
CA LEU B 179 10.21 33.43 -10.05
C LEU B 179 11.69 33.32 -10.39
N THR B 180 12.55 33.92 -9.57
CA THR B 180 13.99 33.87 -9.82
C THR B 180 14.65 32.65 -9.18
N PHE B 181 14.08 32.12 -8.09
CA PHE B 181 14.67 30.94 -7.47
C PHE B 181 14.62 29.74 -8.42
N GLY B 182 13.49 29.57 -9.12
CA GLY B 182 13.40 28.48 -10.08
C GLY B 182 13.96 28.82 -11.44
N GLY B 183 13.93 30.09 -11.83
CA GLY B 183 14.47 30.48 -13.12
C GLY B 183 15.97 30.30 -13.21
N LEU B 184 16.70 30.71 -12.18
CA LEU B 184 18.16 30.70 -12.21
C LEU B 184 18.77 29.44 -11.61
N MET B 185 17.96 28.47 -11.20
CA MET B 185 18.50 27.30 -10.51
C MET B 185 19.46 26.53 -11.40
N LEU B 186 19.09 26.30 -12.66
CA LEU B 186 19.96 25.53 -13.54
C LEU B 186 21.21 26.29 -13.94
N LEU B 187 21.18 27.63 -13.91
CA LEU B 187 22.41 28.38 -14.17
C LEU B 187 23.37 28.27 -13.01
N GLY B 188 22.86 28.08 -11.78
CA GLY B 188 23.71 27.91 -10.63
C GLY B 188 24.39 26.56 -10.55
N GLY B 189 23.88 25.57 -11.27
CA GLY B 189 24.53 24.27 -11.28
C GLY B 189 25.90 24.32 -11.90
N ARG B 190 26.03 24.97 -13.06
CA ARG B 190 27.28 25.05 -13.78
C ARG B 190 28.12 26.26 -13.38
N LEU B 191 27.64 27.09 -12.45
CA LEU B 191 28.45 28.20 -11.98
C LEU B 191 29.59 27.73 -11.09
N GLY B 192 29.40 26.65 -10.34
CA GLY B 192 30.46 26.20 -9.45
C GLY B 192 31.72 25.82 -10.19
N ASP B 193 31.58 25.23 -11.38
CA ASP B 193 32.75 24.74 -12.12
C ASP B 193 33.55 25.87 -12.75
N THR B 194 32.91 26.96 -13.16
CA THR B 194 33.61 28.01 -13.89
C THR B 194 34.28 29.03 -12.99
N ILE B 195 33.85 29.15 -11.73
CA ILE B 195 34.48 30.05 -10.78
C ILE B 195 34.96 29.32 -9.53
N GLY B 196 34.15 28.40 -9.00
CA GLY B 196 34.52 27.63 -7.82
C GLY B 196 33.33 27.36 -6.92
N ARG B 197 33.27 26.17 -6.32
CA ARG B 197 32.10 25.84 -5.49
C ARG B 197 32.14 26.57 -4.15
N LYS B 198 33.30 26.66 -3.52
CA LYS B 198 33.38 27.36 -2.24
C LYS B 198 33.08 28.85 -2.41
N ARG B 199 33.70 29.48 -3.41
CA ARG B 199 33.41 30.89 -3.68
C ARG B 199 31.96 31.08 -4.10
N THR B 200 31.42 30.16 -4.91
CA THR B 200 30.02 30.27 -5.29
C THR B 200 29.11 30.17 -4.07
N PHE B 201 29.42 29.27 -3.14
CA PHE B 201 28.59 29.11 -1.95
C PHE B 201 28.59 30.37 -1.10
N ILE B 202 29.77 30.94 -0.86
CA ILE B 202 29.87 32.12 -0.03
C ILE B 202 29.18 33.31 -0.69
N VAL B 203 29.37 33.47 -2.01
CA VAL B 203 28.71 34.56 -2.72
C VAL B 203 27.19 34.40 -2.64
N GLY B 204 26.70 33.18 -2.85
CA GLY B 204 25.27 32.97 -2.82
C GLY B 204 24.64 33.28 -1.46
N VAL B 205 25.30 32.84 -0.39
CA VAL B 205 24.77 33.12 0.94
C VAL B 205 24.85 34.61 1.26
N ALA B 206 25.94 35.26 0.84
CA ALA B 206 26.12 36.67 1.16
C ALA B 206 25.02 37.52 0.54
N LEU B 207 24.74 37.31 -0.75
CA LEU B 207 23.69 38.07 -1.41
C LEU B 207 22.32 37.78 -0.80
N PHE B 208 22.10 36.55 -0.36
CA PHE B 208 20.85 36.24 0.35
C PHE B 208 20.76 37.03 1.65
N THR B 209 21.85 37.09 2.41
CA THR B 209 21.84 37.79 3.70
C THR B 209 21.62 39.29 3.51
N ILE B 210 22.30 39.90 2.54
CA ILE B 210 22.12 41.34 2.31
C ILE B 210 20.68 41.63 1.90
N SER B 211 20.10 40.77 1.07
CA SER B 211 18.74 41.01 0.59
C SER B 211 17.73 41.01 1.74
N SER B 212 17.94 40.17 2.75
CA SER B 212 17.00 40.12 3.87
C SER B 212 16.93 41.45 4.59
N VAL B 213 18.08 42.09 4.80
CA VAL B 213 18.09 43.40 5.45
C VAL B 213 17.33 44.41 4.61
N LEU B 214 17.56 44.42 3.30
CA LEU B 214 16.84 45.33 2.42
C LEU B 214 15.35 45.01 2.42
N CYS B 215 15.01 43.72 2.49
CA CYS B 215 13.61 43.33 2.57
C CYS B 215 12.97 43.81 3.87
N ALA B 216 13.77 43.94 4.94
CA ALA B 216 13.24 44.37 6.23
C ALA B 216 13.01 45.87 6.32
N VAL B 217 13.54 46.65 5.39
CA VAL B 217 13.38 48.10 5.41
C VAL B 217 12.71 48.57 4.11
N ALA B 218 11.88 47.71 3.52
CA ALA B 218 11.20 48.09 2.30
C ALA B 218 10.23 49.24 2.57
N TRP B 219 10.34 50.29 1.76
CA TRP B 219 9.50 51.47 1.96
C TRP B 219 8.06 51.21 1.53
N ASP B 220 7.87 50.52 0.41
CA ASP B 220 6.54 50.31 -0.17
C ASP B 220 6.54 48.99 -0.91
N GLU B 221 5.50 48.76 -1.71
CA GLU B 221 5.41 47.52 -2.48
C GLU B 221 6.60 47.34 -3.41
N ALA B 222 6.96 48.40 -4.13
CA ALA B 222 8.01 48.28 -5.14
C ALA B 222 9.32 47.82 -4.52
N THR B 223 9.74 48.45 -3.43
CA THR B 223 11.00 48.08 -2.81
C THR B 223 10.99 46.65 -2.30
N LEU B 224 9.82 46.13 -1.92
CA LEU B 224 9.75 44.77 -1.41
C LEU B 224 9.92 43.74 -2.53
N VAL B 225 9.37 44.03 -3.71
CA VAL B 225 9.47 43.06 -4.80
C VAL B 225 10.91 42.87 -5.23
N ILE B 226 11.64 43.97 -5.46
CA ILE B 226 13.06 43.86 -5.78
C ILE B 226 13.81 43.25 -4.61
N ALA B 227 13.34 43.47 -3.37
CA ALA B 227 13.95 42.81 -2.23
C ALA B 227 13.74 41.30 -2.29
N ARG B 228 12.55 40.86 -2.68
CA ARG B 228 12.28 39.43 -2.77
C ARG B 228 12.95 38.81 -3.98
N LEU B 229 13.05 39.55 -5.09
CA LEU B 229 13.73 39.03 -6.28
C LEU B 229 15.18 38.71 -5.97
N SER B 230 15.86 39.60 -5.24
CA SER B 230 17.27 39.39 -4.95
C SER B 230 17.48 38.14 -4.10
N GLN B 231 16.56 37.86 -3.17
CA GLN B 231 16.72 36.67 -2.35
C GLN B 231 16.63 35.40 -3.19
N GLY B 232 15.75 35.39 -4.20
CA GLY B 232 15.67 34.24 -5.07
C GLY B 232 16.93 34.01 -5.86
N VAL B 233 17.57 35.09 -6.33
CA VAL B 233 18.82 34.95 -7.07
C VAL B 233 19.90 34.34 -6.18
N GLY B 234 19.99 34.81 -4.93
CA GLY B 234 21.00 34.27 -4.03
C GLY B 234 20.77 32.81 -3.68
N SER B 235 19.51 32.43 -3.47
CA SER B 235 19.22 31.05 -3.14
C SER B 235 19.36 30.13 -4.34
N ALA B 236 19.18 30.66 -5.55
CA ALA B 236 19.37 29.85 -6.75
C ALA B 236 20.83 29.47 -6.95
N ILE B 237 21.75 30.33 -6.54
CA ILE B 237 23.17 30.07 -6.74
C ILE B 237 23.72 29.16 -5.66
N ALA B 238 23.26 29.31 -4.41
CA ALA B 238 23.83 28.58 -3.28
C ALA B 238 23.17 27.24 -3.04
N SER B 239 21.87 27.09 -3.30
CA SER B 239 21.20 25.82 -3.02
C SER B 239 21.76 24.68 -3.84
N PRO B 240 21.90 24.79 -5.17
CA PRO B 240 22.51 23.68 -5.91
C PRO B 240 23.95 23.39 -5.50
N THR B 241 24.73 24.43 -5.16
CA THR B 241 26.10 24.21 -4.75
C THR B 241 26.18 23.55 -3.38
N GLY B 242 25.14 23.70 -2.56
CA GLY B 242 25.14 23.05 -1.26
C GLY B 242 25.12 21.54 -1.36
N LEU B 243 24.28 21.01 -2.26
CA LEU B 243 24.22 19.57 -2.44
C LEU B 243 25.44 19.03 -3.18
N ALA B 244 26.02 19.84 -4.08
CA ALA B 244 27.23 19.40 -4.78
C ALA B 244 28.41 19.30 -3.84
N LEU B 245 28.52 20.21 -2.87
CA LEU B 245 29.63 20.17 -1.94
C LEU B 245 29.61 18.90 -1.09
N VAL B 246 28.43 18.32 -0.87
CA VAL B 246 28.34 17.07 -0.11
C VAL B 246 29.07 15.96 -0.84
N ALA B 247 28.88 15.85 -2.15
CA ALA B 247 29.49 14.77 -2.91
C ALA B 247 30.99 14.96 -3.03
N THR B 248 31.44 16.18 -3.29
CA THR B 248 32.85 16.43 -3.58
C THR B 248 33.70 16.66 -2.33
N THR B 249 33.09 16.99 -1.21
CA THR B 249 33.86 17.28 0.00
C THR B 249 34.14 16.03 0.82
N PHE B 250 33.19 15.12 0.92
CA PHE B 250 33.32 13.91 1.72
C PHE B 250 33.42 12.70 0.80
N ARG B 251 34.46 11.91 0.98
CA ARG B 251 34.65 10.70 0.19
C ARG B 251 33.54 9.70 0.49
N LYS B 252 33.19 8.90 -0.52
CA LYS B 252 32.15 7.89 -0.35
C LYS B 252 32.52 6.96 0.79
N GLY B 253 31.57 6.71 1.68
CA GLY B 253 31.82 5.92 2.86
C GLY B 253 31.05 6.44 4.06
N PRO B 254 31.51 6.14 5.27
CA PRO B 254 30.82 6.64 6.46
C PRO B 254 30.77 8.15 6.54
N ALA B 255 31.79 8.84 6.05
CA ALA B 255 31.78 10.31 6.10
C ALA B 255 30.62 10.87 5.29
N ARG B 256 30.43 10.38 4.06
CA ARG B 256 29.36 10.87 3.22
C ARG B 256 27.99 10.55 3.81
N ASN B 257 27.84 9.34 4.37
CA ASN B 257 26.55 8.97 4.93
C ASN B 257 26.17 9.88 6.09
N ALA B 258 27.13 10.20 6.96
CA ALA B 258 26.85 11.14 8.04
C ALA B 258 26.54 12.53 7.49
N ALA B 259 27.28 12.96 6.46
CA ALA B 259 27.05 14.27 5.89
C ALA B 259 25.66 14.37 5.26
N THR B 260 25.19 13.29 4.64
CA THR B 260 23.86 13.31 4.04
C THR B 260 22.78 13.44 5.10
N ALA B 261 22.98 12.81 6.27
CA ALA B 261 21.99 12.92 7.33
C ALA B 261 21.87 14.36 7.84
N VAL B 262 22.99 15.04 8.03
CA VAL B 262 22.94 16.41 8.53
C VAL B 262 22.36 17.34 7.49
N PHE B 263 22.65 17.11 6.21
CA PHE B 263 22.11 17.96 5.17
C PHE B 263 20.58 17.91 5.17
N ALA B 264 20.01 16.71 5.27
CA ALA B 264 18.56 16.57 5.31
C ALA B 264 17.99 16.89 6.69
N ALA B 265 18.80 16.81 7.74
CA ALA B 265 18.29 17.08 9.08
C ALA B 265 17.94 18.55 9.27
N MET B 266 18.80 19.45 8.80
CA MET B 266 18.59 20.87 9.02
C MET B 266 17.54 21.47 8.10
N THR B 267 17.11 20.75 7.06
CA THR B 267 15.96 21.20 6.29
C THR B 267 14.71 21.20 7.16
N ALA B 268 14.56 20.18 8.02
CA ALA B 268 13.41 20.12 8.92
C ALA B 268 13.54 21.08 10.08
N ILE B 269 14.76 21.30 10.60
CA ILE B 269 14.93 22.23 11.71
C ILE B 269 14.55 23.64 11.28
N GLY B 270 14.95 24.04 10.08
CA GLY B 270 14.55 25.35 9.58
C GLY B 270 13.05 25.48 9.42
N SER B 271 12.40 24.42 8.93
CA SER B 271 10.96 24.48 8.73
C SER B 271 10.22 24.67 10.05
N VAL B 272 10.56 23.88 11.05
CA VAL B 272 9.86 23.98 12.33
C VAL B 272 10.22 25.27 13.05
N MET B 273 11.51 25.63 13.07
CA MET B 273 11.93 26.84 13.75
C MET B 273 11.38 28.10 13.10
N GLY B 274 11.01 28.03 11.83
CA GLY B 274 10.35 29.16 11.21
C GLY B 274 9.00 29.46 11.84
N LEU B 275 8.22 28.40 12.12
CA LEU B 275 6.92 28.60 12.74
C LEU B 275 7.05 29.23 14.12
N VAL B 276 8.01 28.76 14.90
CA VAL B 276 8.19 29.30 16.25
C VAL B 276 8.58 30.77 16.18
N VAL B 277 9.59 31.10 15.38
CA VAL B 277 10.00 32.49 15.22
C VAL B 277 8.90 33.31 14.56
N GLY B 278 8.28 32.76 13.52
CA GLY B 278 7.22 33.47 12.82
C GLY B 278 5.96 33.65 13.65
N GLY B 279 5.82 32.90 14.74
CA GLY B 279 4.68 33.04 15.62
C GLY B 279 5.02 33.69 16.94
N ALA B 280 6.31 33.83 17.24
CA ALA B 280 6.74 34.35 18.53
C ALA B 280 6.86 35.87 18.52
N LEU B 281 7.62 36.43 17.58
CA LEU B 281 7.84 37.86 17.47
C LEU B 281 7.03 38.50 16.35
N THR B 282 6.04 37.79 15.80
CA THR B 282 5.17 38.39 14.80
C THR B 282 4.19 39.37 15.41
N GLU B 283 3.97 39.30 16.73
CA GLU B 283 3.01 40.19 17.37
C GLU B 283 3.54 41.60 17.60
N VAL B 284 4.84 41.82 17.47
CA VAL B 284 5.43 43.14 17.63
C VAL B 284 5.64 43.83 16.29
N SER B 285 6.21 43.11 15.32
CA SER B 285 6.44 43.66 13.99
C SER B 285 6.92 42.55 13.08
N TRP B 286 6.51 42.64 11.81
CA TRP B 286 6.97 41.71 10.80
C TRP B 286 8.38 42.03 10.31
N ARG B 287 8.88 43.24 10.58
CA ARG B 287 10.23 43.59 10.15
C ARG B 287 11.28 42.86 10.96
N TRP B 288 11.01 42.62 12.25
CA TRP B 288 11.96 41.85 13.06
C TRP B 288 12.03 40.40 12.60
N ALA B 289 11.00 39.89 11.92
CA ALA B 289 11.02 38.50 11.49
C ALA B 289 12.10 38.26 10.43
N PHE B 290 12.25 39.19 9.49
CA PHE B 290 13.20 39.00 8.40
C PHE B 290 14.64 39.27 8.82
N LEU B 291 14.85 39.96 9.95
CA LEU B 291 16.21 40.19 10.42
C LEU B 291 16.78 39.00 11.18
N VAL B 292 15.98 37.96 11.44
CA VAL B 292 16.51 36.78 12.12
C VAL B 292 17.47 36.01 11.22
N ASN B 293 17.37 36.17 9.90
CA ASN B 293 18.29 35.47 9.00
C ASN B 293 19.71 36.03 9.09
N VAL B 294 19.84 37.32 9.41
CA VAL B 294 21.16 37.95 9.37
C VAL B 294 22.13 37.29 10.36
N PRO B 295 21.77 37.08 11.64
CA PRO B 295 22.71 36.39 12.54
C PRO B 295 23.05 34.97 12.10
N ILE B 296 22.09 34.23 11.55
CA ILE B 296 22.37 32.87 11.11
C ILE B 296 23.24 32.87 9.87
N GLY B 297 22.94 33.75 8.91
CA GLY B 297 23.73 33.79 7.70
C GLY B 297 25.18 34.16 7.95
N LEU B 298 25.41 35.07 8.89
CA LEU B 298 26.78 35.50 9.18
C LEU B 298 27.60 34.35 9.75
N VAL B 299 27.00 33.52 10.61
CA VAL B 299 27.73 32.39 11.16
C VAL B 299 28.09 31.39 10.06
N MET B 300 27.15 31.11 9.16
CA MET B 300 27.40 30.10 8.13
C MET B 300 28.49 30.54 7.16
N ILE B 301 28.57 31.84 6.86
CA ILE B 301 29.67 32.33 6.04
C ILE B 301 30.99 32.14 6.77
N TYR B 302 31.03 32.44 8.07
CA TYR B 302 32.25 32.25 8.83
C TYR B 302 32.67 30.79 8.88
N LEU B 303 31.72 29.88 9.14
CA LEU B 303 32.05 28.47 9.22
C LEU B 303 32.56 27.96 7.87
N ALA B 304 31.89 28.32 6.78
CA ALA B 304 32.30 27.84 5.47
C ALA B 304 33.67 28.36 5.08
N ARG B 305 34.02 29.58 5.51
CA ARG B 305 35.31 30.15 5.16
C ARG B 305 36.45 29.39 5.81
N THR B 306 36.32 29.03 7.08
CA THR B 306 37.39 28.42 7.85
C THR B 306 37.28 26.91 7.97
N ALA B 307 36.31 26.29 7.30
CA ALA B 307 36.14 24.84 7.37
C ALA B 307 36.19 24.14 6.02
N LEU B 308 35.87 24.84 4.94
CA LEU B 308 35.90 24.28 3.59
C LEU B 308 37.17 24.71 2.88
N ARG B 309 37.67 23.84 2.00
CA ARG B 309 38.90 24.06 1.28
C ARG B 309 38.61 24.31 -0.20
N GLU B 310 39.40 25.20 -0.81
CA GLU B 310 39.26 25.46 -2.23
C GLU B 310 39.93 24.35 -3.02
N THR B 311 39.22 23.82 -4.03
CA THR B 311 39.76 22.77 -4.87
C THR B 311 40.64 23.37 -5.96
N ASN B 312 41.80 22.75 -6.19
CA ASN B 312 42.77 23.23 -7.17
C ASN B 312 42.61 22.44 -8.46
N LYS B 313 41.71 22.92 -9.31
CA LYS B 313 41.52 22.37 -10.64
C LYS B 313 41.24 23.49 -11.62
N GLU B 314 41.56 23.25 -12.89
CA GLU B 314 41.34 24.25 -13.92
C GLU B 314 39.85 24.46 -14.16
N ARG B 315 39.48 25.72 -14.41
CA ARG B 315 38.09 26.07 -14.62
C ARG B 315 37.62 25.62 -16.01
N MET B 316 36.31 25.42 -16.12
CA MET B 316 35.67 25.02 -17.38
C MET B 316 34.82 26.17 -17.89
N LYS B 317 34.98 26.50 -19.16
CA LYS B 317 34.27 27.64 -19.73
C LYS B 317 32.76 27.43 -19.67
N LEU B 318 32.04 28.49 -19.35
CA LEU B 318 30.60 28.41 -19.16
C LEU B 318 29.86 28.41 -20.48
N ASP B 319 28.80 27.61 -20.56
CA ASP B 319 27.98 27.53 -21.78
C ASP B 319 27.10 28.76 -21.89
N ALA B 320 27.46 29.68 -22.78
CA ALA B 320 26.73 30.93 -22.91
C ALA B 320 25.32 30.68 -23.44
N THR B 321 25.21 30.15 -24.66
CA THR B 321 23.90 30.03 -25.29
C THR B 321 23.00 29.08 -24.53
N GLY B 322 23.53 27.96 -24.06
CA GLY B 322 22.70 27.00 -23.32
C GLY B 322 22.19 27.57 -22.01
N ALA B 323 23.04 28.30 -21.29
CA ALA B 323 22.62 28.86 -20.01
C ALA B 323 21.56 29.93 -20.20
N ILE B 324 21.73 30.80 -21.19
CA ILE B 324 20.80 31.91 -21.39
C ILE B 324 19.41 31.39 -21.71
N LEU B 325 19.31 30.42 -22.61
CA LEU B 325 18.01 29.90 -23.03
C LEU B 325 17.31 29.18 -21.88
N ALA B 326 18.07 28.45 -21.06
CA ALA B 326 17.47 27.72 -19.95
C ALA B 326 16.82 28.67 -18.95
N THR B 327 17.51 29.77 -18.62
CA THR B 327 16.94 30.76 -17.71
C THR B 327 15.66 31.36 -18.30
N LEU B 328 15.68 31.72 -19.59
CA LEU B 328 14.49 32.25 -20.23
C LEU B 328 13.37 31.23 -20.25
N ALA B 329 13.70 29.97 -20.59
CA ALA B 329 12.66 28.95 -20.69
C ALA B 329 12.02 28.66 -19.35
N CYS B 330 12.82 28.56 -18.29
CA CYS B 330 12.27 28.22 -16.99
C CYS B 330 11.55 29.40 -16.33
N THR B 331 12.11 30.61 -16.47
CA THR B 331 11.49 31.78 -15.87
C THR B 331 10.12 32.07 -16.49
N ALA B 332 10.02 31.99 -17.82
CA ALA B 332 8.77 32.28 -18.49
C ALA B 332 7.68 31.29 -18.08
N ALA B 333 8.03 30.00 -17.96
CA ALA B 333 7.05 29.00 -17.57
C ALA B 333 6.52 29.26 -16.16
N VAL B 334 7.41 29.63 -15.24
CA VAL B 334 6.98 29.93 -13.87
C VAL B 334 6.09 31.16 -13.85
N PHE B 335 6.44 32.18 -14.63
CA PHE B 335 5.61 33.39 -14.69
C PHE B 335 4.23 33.07 -15.26
N ALA B 336 4.17 32.26 -16.31
CA ALA B 336 2.88 31.93 -16.91
C ALA B 336 1.99 31.16 -15.94
N PHE B 337 2.57 30.21 -15.21
CA PHE B 337 1.79 29.45 -14.25
C PHE B 337 1.30 30.35 -13.12
N SER B 338 2.15 31.26 -12.65
CA SER B 338 1.78 32.11 -11.52
C SER B 338 0.70 33.11 -11.89
N ILE B 339 0.85 33.77 -13.04
CA ILE B 339 -0.10 34.82 -13.44
C ILE B 339 -1.37 34.25 -14.04
N GLY B 340 -1.39 32.98 -14.41
CA GLY B 340 -2.53 32.39 -15.07
C GLY B 340 -3.81 32.50 -14.27
N PRO B 341 -3.78 32.08 -13.00
CA PRO B 341 -4.99 32.20 -12.18
C PRO B 341 -5.50 33.62 -12.04
N GLU B 342 -4.61 34.61 -11.99
CA GLU B 342 -5.06 35.99 -11.86
C GLU B 342 -5.77 36.46 -13.11
N LYS B 343 -5.16 36.26 -14.28
CA LYS B 343 -5.72 36.70 -15.55
C LYS B 343 -6.55 35.62 -16.25
N GLY B 344 -6.59 34.42 -15.70
CA GLY B 344 -7.29 33.32 -16.36
C GLY B 344 -6.36 32.50 -17.23
N TRP B 345 -6.68 31.21 -17.33
CA TRP B 345 -5.82 30.27 -18.04
C TRP B 345 -5.83 30.53 -19.55
N MET B 346 -6.80 31.29 -20.06
CA MET B 346 -6.89 31.60 -21.48
C MET B 346 -6.92 33.11 -21.71
N SER B 347 -6.24 33.87 -20.85
CA SER B 347 -6.26 35.32 -20.96
C SER B 347 -5.67 35.79 -22.28
N GLY B 348 -4.55 35.18 -22.69
CA GLY B 348 -3.81 35.63 -23.85
C GLY B 348 -2.35 35.86 -23.50
N ILE B 349 -2.12 36.42 -22.31
CA ILE B 349 -0.76 36.52 -21.78
C ILE B 349 -0.34 35.23 -21.09
N THR B 350 -1.29 34.46 -20.57
CA THR B 350 -0.95 33.16 -19.98
C THR B 350 -0.40 32.22 -21.03
N ILE B 351 -1.22 31.90 -22.04
CA ILE B 351 -0.72 31.10 -23.15
C ILE B 351 0.27 31.89 -23.99
N GLY B 352 0.16 33.22 -24.02
CA GLY B 352 1.15 34.03 -24.70
C GLY B 352 2.54 33.85 -24.12
N SER B 353 2.64 33.84 -22.80
CA SER B 353 3.92 33.53 -22.16
C SER B 353 4.29 32.07 -22.33
N GLY B 354 3.29 31.17 -22.30
CA GLY B 354 3.58 29.76 -22.49
C GLY B 354 4.23 29.46 -23.83
N LEU B 355 3.82 30.20 -24.87
CA LEU B 355 4.47 30.05 -26.17
C LEU B 355 5.95 30.39 -26.08
N VAL B 356 6.29 31.47 -25.37
CA VAL B 356 7.69 31.85 -25.22
C VAL B 356 8.46 30.76 -24.50
N ALA B 357 7.86 30.19 -23.44
CA ALA B 357 8.52 29.10 -22.72
C ALA B 357 8.77 27.91 -23.64
N LEU B 358 7.77 27.52 -24.43
CA LEU B 358 7.94 26.40 -25.34
C LEU B 358 8.97 26.72 -26.42
N ALA B 359 8.92 27.93 -26.96
CA ALA B 359 9.90 28.33 -27.97
C ALA B 359 11.31 28.31 -27.40
N ALA B 360 11.46 28.73 -26.15
CA ALA B 360 12.78 28.69 -25.51
C ALA B 360 13.23 27.26 -25.27
N ALA B 361 12.32 26.39 -24.84
CA ALA B 361 12.70 25.02 -24.50
C ALA B 361 13.21 24.27 -25.72
N VAL B 362 12.51 24.38 -26.85
CA VAL B 362 12.94 23.66 -28.05
C VAL B 362 14.28 24.19 -28.53
N ALA B 363 14.49 25.51 -28.47
CA ALA B 363 15.78 26.05 -28.86
C ALA B 363 16.88 25.61 -27.91
N PHE B 364 16.55 25.44 -26.63
CA PHE B 364 17.55 24.99 -25.66
C PHE B 364 18.02 23.58 -25.98
N VAL B 365 17.09 22.67 -26.31
CA VAL B 365 17.47 21.28 -26.56
C VAL B 365 18.30 21.17 -27.83
N ILE B 366 17.93 21.92 -28.87
CA ILE B 366 18.61 21.80 -30.16
C ILE B 366 20.08 22.16 -30.03
N VAL B 367 20.36 23.32 -29.42
CA VAL B 367 21.74 23.74 -29.26
C VAL B 367 22.47 22.83 -28.27
N GLU B 368 21.74 22.24 -27.32
CA GLU B 368 22.39 21.49 -26.25
C GLU B 368 23.04 20.22 -26.76
N ARG B 369 22.68 19.77 -27.96
CA ARG B 369 23.31 18.59 -28.55
C ARG B 369 24.81 18.82 -28.79
N THR B 370 25.15 19.96 -29.38
CA THR B 370 26.52 20.30 -29.73
C THR B 370 27.16 21.24 -28.71
N ALA B 371 26.84 21.07 -27.44
CA ALA B 371 27.32 21.95 -26.38
C ALA B 371 28.55 21.35 -25.70
N GLU B 372 29.51 22.21 -25.38
CA GLU B 372 30.68 21.83 -24.60
C GLU B 372 30.49 22.25 -23.15
N ASN B 373 30.82 21.36 -22.23
CA ASN B 373 30.45 21.50 -20.82
C ASN B 373 28.94 21.74 -20.73
N PRO B 374 28.13 20.75 -21.10
CA PRO B 374 26.68 20.99 -21.24
C PRO B 374 26.04 21.36 -19.90
N VAL B 375 25.02 22.21 -19.99
CA VAL B 375 24.29 22.62 -18.79
C VAL B 375 23.43 21.46 -18.28
N VAL B 376 22.79 20.73 -19.18
CA VAL B 376 21.97 19.56 -18.81
C VAL B 376 22.41 18.38 -19.66
N PRO B 377 23.24 17.47 -19.15
CA PRO B 377 23.64 16.30 -19.95
C PRO B 377 22.56 15.23 -20.05
N PHE B 378 21.69 15.34 -21.06
CA PHE B 378 20.66 14.32 -21.25
C PHE B 378 21.28 12.94 -21.39
N HIS B 379 22.44 12.85 -22.04
CA HIS B 379 23.06 11.55 -22.27
C HIS B 379 23.30 10.80 -20.97
N LEU B 380 23.49 11.53 -19.87
CA LEU B 380 23.66 10.90 -18.57
C LEU B 380 22.40 10.23 -18.08
N PHE B 381 21.24 10.60 -18.61
CA PHE B 381 19.95 10.03 -18.22
C PHE B 381 19.53 9.06 -19.32
N ARG B 382 19.74 7.77 -19.07
CA ARG B 382 19.41 6.71 -20.01
C ARG B 382 18.35 5.80 -19.40
N ASP B 383 18.09 4.66 -20.04
CA ASP B 383 17.07 3.74 -19.58
C ASP B 383 17.43 3.04 -18.27
N ARG B 384 18.60 3.33 -17.69
CA ARG B 384 19.04 2.66 -16.48
C ARG B 384 18.21 3.18 -15.30
N ASN B 385 18.67 2.95 -14.07
CA ASN B 385 17.86 3.26 -12.90
C ASN B 385 18.04 4.69 -12.41
N ARG B 386 18.77 5.55 -13.13
CA ARG B 386 18.84 6.96 -12.75
C ARG B 386 17.49 7.64 -12.94
N LEU B 387 16.79 7.32 -14.04
CA LEU B 387 15.46 7.90 -14.25
C LEU B 387 14.49 7.47 -13.15
N VAL B 388 14.55 6.20 -12.74
CA VAL B 388 13.67 5.74 -11.67
C VAL B 388 13.97 6.49 -10.38
N THR B 389 15.24 6.70 -10.07
CA THR B 389 15.59 7.44 -8.86
C THR B 389 15.10 8.88 -8.95
N PHE B 390 15.42 9.56 -10.04
CA PHE B 390 15.03 10.95 -10.19
C PHE B 390 13.54 11.13 -10.37
N SER B 391 12.83 10.08 -10.80
CA SER B 391 11.37 10.17 -10.86
C SER B 391 10.75 10.06 -9.48
N ALA B 392 11.33 9.25 -8.60
CA ALA B 392 10.79 9.11 -7.25
C ALA B 392 10.94 10.41 -6.46
N ILE B 393 12.07 11.10 -6.62
CA ILE B 393 12.27 12.34 -5.87
C ILE B 393 11.26 13.39 -6.28
N LEU B 394 10.92 13.44 -7.58
CA LEU B 394 9.93 14.41 -8.04
C LEU B 394 8.59 14.19 -7.35
N LEU B 395 8.10 12.95 -7.36
CA LEU B 395 6.82 12.66 -6.75
C LEU B 395 6.91 12.61 -5.23
N ALA B 396 8.02 12.08 -4.70
CA ALA B 396 8.18 12.00 -3.26
C ALA B 396 8.22 13.40 -2.63
N GLY B 397 8.89 14.34 -3.29
CA GLY B 397 8.87 15.71 -2.80
C GLY B 397 7.46 16.29 -2.76
N GLY B 398 6.64 15.94 -3.75
CA GLY B 398 5.27 16.41 -3.75
C GLY B 398 4.47 15.89 -2.57
N VAL B 399 4.63 14.60 -2.25
CA VAL B 399 3.94 14.03 -1.10
C VAL B 399 4.42 14.71 0.18
N MET B 400 5.73 14.89 0.31
CA MET B 400 6.28 15.56 1.48
C MET B 400 5.82 17.00 1.57
N PHE B 401 5.83 17.72 0.45
CA PHE B 401 5.43 19.12 0.47
C PHE B 401 3.95 19.27 0.79
N SER B 402 3.09 18.52 0.09
CA SER B 402 1.65 18.64 0.33
C SER B 402 1.27 18.18 1.73
N LEU B 403 2.08 17.34 2.36
CA LEU B 403 1.75 16.85 3.69
C LEU B 403 1.96 17.93 4.75
N THR B 404 3.05 18.70 4.64
CA THR B 404 3.32 19.73 5.64
C THR B 404 2.39 20.92 5.47
N VAL B 405 2.09 21.32 4.23
CA VAL B 405 1.22 22.45 4.01
C VAL B 405 -0.20 22.15 4.50
N CYS B 406 -0.73 20.97 4.15
CA CYS B 406 -2.08 20.62 4.56
C CYS B 406 -2.17 20.43 6.07
N ILE B 407 -1.18 19.79 6.67
CA ILE B 407 -1.22 19.57 8.11
C ILE B 407 -1.12 20.90 8.85
N GLY B 408 -0.30 21.81 8.36
CA GLY B 408 -0.21 23.12 8.98
C GLY B 408 -1.52 23.88 8.93
N LEU B 409 -2.20 23.85 7.77
CA LEU B 409 -3.49 24.51 7.65
C LEU B 409 -4.54 23.85 8.54
N TYR B 410 -4.57 22.52 8.57
CA TYR B 410 -5.53 21.82 9.41
C TYR B 410 -5.33 22.15 10.88
N VAL B 411 -4.08 22.17 11.35
CA VAL B 411 -3.82 22.44 12.75
C VAL B 411 -4.23 23.87 13.12
N GLN B 412 -3.86 24.84 12.27
CA GLN B 412 -4.15 26.24 12.61
C GLN B 412 -5.65 26.53 12.53
N ASP B 413 -6.33 25.99 11.52
CA ASP B 413 -7.72 26.37 11.29
C ASP B 413 -8.68 25.54 12.12
N ILE B 414 -8.60 24.21 12.01
CA ILE B 414 -9.58 23.35 12.66
C ILE B 414 -9.34 23.30 14.17
N LEU B 415 -8.11 22.95 14.57
CA LEU B 415 -7.79 22.83 15.99
C LEU B 415 -7.52 24.17 16.66
N GLY B 416 -7.20 25.21 15.89
CA GLY B 416 -7.02 26.55 16.43
C GLY B 416 -5.88 26.67 17.41
N TYR B 417 -4.74 26.06 17.10
CA TYR B 417 -3.59 26.12 17.99
C TYR B 417 -2.86 27.46 17.92
N SER B 418 -2.82 28.09 16.74
CA SER B 418 -2.08 29.32 16.47
C SER B 418 -0.65 28.99 16.06
N ALA B 419 0.05 29.99 15.51
CA ALA B 419 1.37 29.73 14.91
C ALA B 419 2.37 29.29 15.96
N LEU B 420 2.48 30.02 17.07
CA LEU B 420 3.50 29.72 18.07
C LEU B 420 3.29 28.33 18.66
N ARG B 421 2.04 28.00 19.04
CA ARG B 421 1.77 26.69 19.61
C ARG B 421 2.01 25.58 18.61
N ALA B 422 1.65 25.81 17.34
CA ALA B 422 1.88 24.79 16.32
C ALA B 422 3.36 24.52 16.14
N GLY B 423 4.19 25.58 16.13
CA GLY B 423 5.61 25.38 16.00
C GLY B 423 6.21 24.62 17.17
N VAL B 424 5.77 24.93 18.38
CA VAL B 424 6.26 24.21 19.55
C VAL B 424 5.73 22.79 19.58
N GLY B 425 4.53 22.56 19.06
CA GLY B 425 3.97 21.22 19.05
C GLY B 425 4.60 20.29 18.04
N PHE B 426 5.29 20.83 17.04
CA PHE B 426 5.98 20.04 16.04
C PHE B 426 7.42 19.74 16.39
N ILE B 427 7.89 20.14 17.58
CA ILE B 427 9.24 19.82 18.00
C ILE B 427 9.46 18.31 18.03
N PRO B 428 8.54 17.49 18.52
CA PRO B 428 8.77 16.03 18.49
C PRO B 428 9.02 15.50 17.09
N PHE B 429 8.46 16.13 16.05
CA PHE B 429 8.74 15.67 14.70
C PHE B 429 10.23 15.78 14.38
N VAL B 430 10.87 16.88 14.79
CA VAL B 430 12.29 17.04 14.53
C VAL B 430 13.10 15.96 15.25
N ILE B 431 12.77 15.70 16.51
CA ILE B 431 13.47 14.65 17.25
C ILE B 431 13.22 13.30 16.61
N ALA B 432 11.98 13.02 16.22
CA ALA B 432 11.69 11.79 15.50
C ALA B 432 12.42 11.76 14.17
N MET B 433 12.48 12.89 13.48
CA MET B 433 13.20 12.96 12.21
C MET B 433 14.69 12.68 12.43
N GLY B 434 15.26 13.20 13.51
CA GLY B 434 16.66 12.98 13.77
C GLY B 434 17.00 11.53 14.03
N ILE B 435 16.12 10.81 14.75
CA ILE B 435 16.37 9.41 15.03
C ILE B 435 16.34 8.59 13.76
N GLY B 436 15.37 8.86 12.88
CA GLY B 436 15.30 8.11 11.63
C GLY B 436 16.52 8.35 10.75
N LEU B 437 16.98 9.59 10.67
CA LEU B 437 18.17 9.89 9.88
C LEU B 437 19.40 9.21 10.46
N GLY B 438 19.55 9.24 11.79
CA GLY B 438 20.73 8.64 12.40
C GLY B 438 20.80 7.14 12.20
N VAL B 439 19.68 6.44 12.37
CA VAL B 439 19.67 4.99 12.19
C VAL B 439 19.95 4.63 10.75
N SER B 440 19.34 5.35 9.80
CA SER B 440 19.49 5.01 8.40
C SER B 440 20.92 5.18 7.92
N SER B 441 21.66 6.12 8.51
CA SER B 441 23.04 6.33 8.11
C SER B 441 23.90 5.09 8.42
N GLN B 442 23.64 4.44 9.55
CA GLN B 442 24.39 3.24 9.89
C GLN B 442 23.95 2.05 9.06
N LEU B 443 22.65 1.94 8.79
CA LEU B 443 22.13 0.79 8.05
C LEU B 443 22.39 0.88 6.56
N VAL B 444 22.70 2.06 6.03
CA VAL B 444 22.84 2.21 4.59
C VAL B 444 24.02 1.42 4.04
N SER B 445 24.97 1.04 4.90
CA SER B 445 26.14 0.29 4.47
C SER B 445 25.94 -1.22 4.54
N ARG B 446 24.73 -1.68 4.87
CA ARG B 446 24.47 -3.11 4.98
C ARG B 446 23.24 -3.51 4.18
N PHE B 447 22.29 -2.58 4.00
CA PHE B 447 21.05 -2.82 3.28
C PHE B 447 20.94 -1.89 2.09
N SER B 448 20.42 -2.40 0.99
CA SER B 448 20.30 -1.63 -0.23
C SER B 448 19.28 -0.50 -0.04
N PRO B 449 19.38 0.57 -0.84
CA PRO B 449 18.41 1.66 -0.71
C PRO B 449 16.98 1.25 -1.00
N ARG B 450 16.76 0.15 -1.71
CA ARG B 450 15.40 -0.28 -2.01
C ARG B 450 14.63 -0.65 -0.75
N VAL B 451 15.23 -1.47 0.11
CA VAL B 451 14.52 -1.94 1.29
C VAL B 451 14.34 -0.82 2.31
N LEU B 452 15.37 0.01 2.49
CA LEU B 452 15.28 1.11 3.46
C LEU B 452 14.18 2.10 3.06
N THR B 453 14.10 2.44 1.77
CA THR B 453 13.06 3.34 1.32
C THR B 453 11.68 2.75 1.57
N ILE B 454 11.50 1.46 1.25
CA ILE B 454 10.22 0.81 1.51
C ILE B 454 9.97 0.70 3.01
N GLY B 455 11.01 0.36 3.78
CA GLY B 455 10.85 0.23 5.21
C GLY B 455 10.46 1.54 5.87
N GLY B 456 11.10 2.64 5.47
CA GLY B 456 10.73 3.93 6.02
C GLY B 456 9.34 4.37 5.59
N GLY B 457 9.01 4.16 4.32
CA GLY B 457 7.68 4.52 3.84
C GLY B 457 6.57 3.70 4.49
N TYR B 458 6.87 2.45 4.85
CA TYR B 458 5.87 1.61 5.48
C TYR B 458 5.42 2.20 6.81
N LEU B 459 6.38 2.69 7.61
CA LEU B 459 6.01 3.34 8.86
C LEU B 459 5.17 4.60 8.61
N LEU B 460 5.56 5.39 7.62
CA LEU B 460 4.79 6.60 7.30
C LEU B 460 3.39 6.25 6.83
N PHE B 461 3.27 5.21 6.00
CA PHE B 461 1.96 4.84 5.47
C PHE B 461 0.98 4.53 6.59
N GLY B 462 1.44 3.87 7.65
CA GLY B 462 0.57 3.61 8.79
C GLY B 462 0.18 4.87 9.53
N ALA B 463 1.11 5.82 9.65
CA ALA B 463 0.82 7.04 10.39
C ALA B 463 -0.30 7.85 9.73
N MET B 464 -0.26 7.96 8.40
CA MET B 464 -1.28 8.74 7.71
C MET B 464 -2.63 8.03 7.70
N LEU B 465 -2.64 6.70 7.64
CA LEU B 465 -3.90 5.97 7.75
C LEU B 465 -4.55 6.20 9.10
N TYR B 466 -3.76 6.18 10.17
CA TYR B 466 -4.32 6.41 11.50
C TYR B 466 -4.91 7.81 11.61
N GLY B 467 -4.20 8.82 11.10
CA GLY B 467 -4.73 10.16 11.12
C GLY B 467 -6.02 10.30 10.32
N SER B 468 -6.14 9.58 9.22
CA SER B 468 -7.33 9.67 8.38
C SER B 468 -8.56 9.08 9.06
N PHE B 469 -8.41 8.36 10.17
CA PHE B 469 -9.53 7.71 10.83
C PHE B 469 -9.84 8.24 12.22
N PHE B 470 -8.89 8.85 12.91
CA PHE B 470 -9.05 9.22 14.32
C PHE B 470 -8.51 10.62 14.58
N MET B 471 -8.87 11.58 13.72
CA MET B 471 -8.36 12.95 13.80
C MET B 471 -9.50 13.95 13.67
N HIS B 472 -10.58 13.71 14.40
CA HIS B 472 -11.68 14.68 14.43
C HIS B 472 -11.27 15.91 15.25
N ARG B 473 -12.07 16.95 15.15
CA ARG B 473 -11.80 18.18 15.90
C ARG B 473 -11.98 17.93 17.39
N GLY B 474 -11.13 18.58 18.19
CA GLY B 474 -11.27 18.54 19.63
C GLY B 474 -10.61 17.37 20.32
N VAL B 475 -9.83 16.55 19.61
CA VAL B 475 -9.12 15.43 20.22
C VAL B 475 -7.97 15.99 21.05
N PRO B 476 -7.51 15.28 22.08
CA PRO B 476 -6.38 15.78 22.87
C PRO B 476 -5.09 15.76 22.07
N TYR B 477 -4.04 16.32 22.68
CA TYR B 477 -2.76 16.47 21.99
C TYR B 477 -1.88 15.24 22.14
N PHE B 478 -1.59 14.85 23.38
CA PHE B 478 -0.54 13.86 23.61
C PHE B 478 -0.87 12.50 22.99
N PRO B 479 -2.03 11.88 23.23
CA PRO B 479 -2.22 10.52 22.71
C PRO B 479 -2.51 10.48 21.22
N ASN B 480 -3.21 11.47 20.68
CA ASN B 480 -3.71 11.39 19.31
C ASN B 480 -2.80 12.11 18.30
N LEU B 481 -2.36 13.33 18.62
CA LEU B 481 -1.65 14.14 17.64
C LEU B 481 -0.14 13.94 17.68
N VAL B 482 0.41 13.41 18.77
CA VAL B 482 1.86 13.27 18.89
C VAL B 482 2.35 11.97 18.26
N MET B 483 1.73 10.85 18.62
CA MET B 483 2.24 9.56 18.17
C MET B 483 2.28 9.42 16.66
N PRO B 484 1.21 9.73 15.90
CA PRO B 484 1.33 9.63 14.44
C PRO B 484 2.41 10.54 13.86
N ILE B 485 2.63 11.71 14.47
CA ILE B 485 3.70 12.59 14.00
C ILE B 485 5.07 11.97 14.28
N VAL B 486 5.23 11.38 15.47
CA VAL B 486 6.51 10.77 15.82
C VAL B 486 6.80 9.57 14.91
N VAL B 487 5.80 8.71 14.71
CA VAL B 487 5.99 7.55 13.85
C VAL B 487 6.24 7.98 12.41
N GLY B 488 5.46 8.96 11.94
CA GLY B 488 5.69 9.47 10.60
C GLY B 488 7.06 10.10 10.44
N GLY B 489 7.54 10.78 11.48
CA GLY B 489 8.86 11.39 11.40
C GLY B 489 9.96 10.37 11.22
N ILE B 490 9.88 9.24 11.93
CA ILE B 490 10.90 8.20 11.79
C ILE B 490 10.83 7.58 10.41
N GLY B 491 9.63 7.41 9.86
CA GLY B 491 9.51 6.85 8.53
C GLY B 491 10.15 7.73 7.47
N ILE B 492 9.91 9.04 7.55
CA ILE B 492 10.52 9.95 6.57
C ILE B 492 12.03 10.01 6.75
N GLY B 493 12.49 10.02 8.00
CA GLY B 493 13.92 10.08 8.25
C GLY B 493 14.67 8.89 7.68
N MET B 494 14.03 7.72 7.68
CA MET B 494 14.68 6.52 7.16
C MET B 494 14.80 6.54 5.64
N ALA B 495 13.81 7.12 4.96
CA ALA B 495 13.75 7.02 3.51
C ALA B 495 14.55 8.10 2.79
N VAL B 496 14.71 9.27 3.39
CA VAL B 496 15.38 10.37 2.69
C VAL B 496 16.86 10.05 2.48
N VAL B 497 17.51 9.47 3.47
CA VAL B 497 18.96 9.24 3.38
C VAL B 497 19.32 8.31 2.23
N PRO B 498 18.71 7.12 2.09
CA PRO B 498 19.05 6.29 0.92
C PRO B 498 18.76 6.97 -0.41
N LEU B 499 17.67 7.73 -0.50
CA LEU B 499 17.35 8.39 -1.77
C LEU B 499 18.39 9.44 -2.12
N THR B 500 18.82 10.24 -1.15
CA THR B 500 19.81 11.28 -1.43
C THR B 500 21.12 10.67 -1.91
N LEU B 501 21.58 9.61 -1.25
CA LEU B 501 22.85 8.99 -1.62
C LEU B 501 22.79 8.42 -3.04
N SER B 502 21.68 7.77 -3.39
CA SER B 502 21.54 7.19 -4.72
C SER B 502 21.38 8.24 -5.80
N ALA B 503 21.01 9.47 -5.44
CA ALA B 503 20.85 10.53 -6.43
C ALA B 503 22.18 11.12 -6.88
N ILE B 504 23.26 10.91 -6.11
CA ILE B 504 24.57 11.47 -6.43
C ILE B 504 25.59 10.37 -6.58
N ALA B 505 25.15 9.20 -7.07
CA ALA B 505 26.00 8.03 -7.21
C ALA B 505 26.45 7.88 -8.65
N GLY B 506 27.72 7.50 -8.83
CA GLY B 506 28.25 7.20 -10.15
C GLY B 506 28.21 8.36 -11.12
N VAL B 507 28.68 9.53 -10.71
CA VAL B 507 28.61 10.76 -11.50
C VAL B 507 29.99 11.30 -11.81
N GLY B 508 30.81 11.49 -10.80
CA GLY B 508 32.12 12.09 -10.95
C GLY B 508 32.16 13.51 -10.42
N PHE B 509 33.18 14.25 -10.87
CA PHE B 509 33.37 15.65 -10.49
C PHE B 509 33.03 16.64 -11.60
N ASP B 510 33.25 16.28 -12.86
CA ASP B 510 32.97 17.20 -13.96
C ASP B 510 31.49 17.29 -14.31
N GLN B 511 30.64 16.47 -13.68
CA GLN B 511 29.21 16.50 -13.95
C GLN B 511 28.39 16.42 -12.66
N ILE B 512 29.01 16.59 -11.49
CA ILE B 512 28.25 16.65 -10.25
C ILE B 512 27.40 17.92 -10.21
N GLY B 513 27.91 19.01 -10.76
CA GLY B 513 27.22 20.28 -10.72
C GLY B 513 25.80 20.21 -11.25
N PRO B 514 25.66 19.98 -12.56
CA PRO B 514 24.30 19.94 -13.13
C PRO B 514 23.41 18.85 -12.55
N VAL B 515 23.98 17.70 -12.19
CA VAL B 515 23.15 16.62 -11.64
C VAL B 515 22.53 17.05 -10.32
N SER B 516 23.30 17.69 -9.46
CA SER B 516 22.75 18.16 -8.18
C SER B 516 21.68 19.22 -8.41
N ALA B 517 21.89 20.11 -9.38
CA ALA B 517 20.88 21.13 -9.66
C ALA B 517 19.58 20.51 -10.13
N ILE B 518 19.66 19.48 -10.97
CA ILE B 518 18.45 18.83 -11.47
C ILE B 518 17.69 18.17 -10.32
N ALA B 519 18.42 17.59 -9.36
CA ALA B 519 17.77 16.91 -8.26
C ALA B 519 16.93 17.87 -7.43
N LEU B 520 17.44 19.08 -7.17
CA LEU B 520 16.69 20.04 -6.38
C LEU B 520 15.49 20.59 -7.15
N MET B 521 15.65 20.86 -8.44
CA MET B 521 14.55 21.39 -9.23
C MET B 521 13.39 20.39 -9.26
N LEU B 522 13.69 19.11 -9.45
CA LEU B 522 12.64 18.11 -9.48
C LEU B 522 11.94 18.00 -8.12
N GLN B 523 12.71 18.09 -7.04
CA GLN B 523 12.11 18.03 -5.71
C GLN B 523 11.19 19.22 -5.48
N SER B 524 11.62 20.42 -5.87
CA SER B 524 10.80 21.62 -5.67
C SER B 524 9.67 21.70 -6.68
N LEU B 525 9.95 21.24 -7.87
CA LEU B 525 8.88 21.33 -8.86
C LEU B 525 7.72 20.43 -8.52
N GLY B 526 7.97 19.27 -7.90
CA GLY B 526 6.90 18.35 -7.58
C GLY B 526 5.99 18.82 -6.47
N GLY B 527 6.40 19.83 -5.72
CA GLY B 527 5.61 20.34 -4.62
C GLY B 527 4.30 20.96 -5.09
N PRO B 528 4.38 22.07 -5.82
CA PRO B 528 3.15 22.73 -6.27
C PRO B 528 2.24 21.86 -7.11
N LEU B 529 2.80 20.97 -7.94
CA LEU B 529 1.96 20.16 -8.82
C LEU B 529 1.07 19.22 -8.04
N VAL B 530 1.65 18.46 -7.10
CA VAL B 530 0.86 17.52 -6.31
C VAL B 530 -0.07 18.27 -5.37
N LEU B 531 0.41 19.38 -4.79
CA LEU B 531 -0.41 20.14 -3.85
C LEU B 531 -1.66 20.68 -4.53
N ALA B 532 -1.54 21.12 -5.78
CA ALA B 532 -2.70 21.67 -6.48
C ALA B 532 -3.81 20.63 -6.61
N VAL B 533 -3.44 19.38 -6.92
CA VAL B 533 -4.44 18.33 -7.03
C VAL B 533 -5.11 18.07 -5.68
N ILE B 534 -4.31 18.00 -4.61
CA ILE B 534 -4.85 17.69 -3.30
C ILE B 534 -5.81 18.79 -2.85
N GLN B 535 -5.42 20.05 -3.01
CA GLN B 535 -6.29 21.15 -2.59
C GLN B 535 -7.59 21.14 -3.38
N ALA B 536 -7.55 20.84 -4.65
CA ALA B 536 -8.80 20.78 -5.41
C ALA B 536 -9.73 19.72 -4.83
N VAL B 537 -9.18 18.58 -4.44
CA VAL B 537 -9.99 17.50 -3.89
C VAL B 537 -10.63 17.93 -2.57
N ILE B 538 -9.85 18.60 -1.71
CA ILE B 538 -10.39 19.06 -0.43
C ILE B 538 -11.52 20.06 -0.66
N THR B 539 -11.32 20.99 -1.59
CA THR B 539 -12.34 22.00 -1.87
C THR B 539 -13.60 21.35 -2.41
N SER B 540 -13.47 20.38 -3.32
CA SER B 540 -14.64 19.77 -3.93
C SER B 540 -15.50 19.05 -2.91
N ARG B 541 -14.87 18.31 -1.99
CA ARG B 541 -15.64 17.56 -1.02
C ARG B 541 -16.24 18.46 0.06
N THR B 542 -15.62 19.61 0.32
CA THR B 542 -16.20 20.53 1.31
C THR B 542 -17.57 21.02 0.86
N LEU B 543 -17.71 21.34 -0.42
CA LEU B 543 -19.02 21.73 -0.94
C LEU B 543 -19.99 20.54 -0.94
N TYR B 544 -19.49 19.33 -1.21
CA TYR B 544 -20.35 18.15 -1.25
C TYR B 544 -20.99 17.93 0.12
N LEU B 545 -20.20 18.01 1.19
CA LEU B 545 -20.71 17.80 2.54
C LEU B 545 -21.47 19.00 3.07
N GLY B 546 -21.43 20.14 2.40
CA GLY B 546 -22.09 21.34 2.85
C GLY B 546 -21.12 22.32 3.49
N GLY B 547 -20.69 23.31 2.73
CA GLY B 547 -19.71 24.26 3.22
C GLY B 547 -19.62 25.46 2.31
N THR B 548 -18.64 26.31 2.59
CA THR B 548 -18.43 27.53 1.83
C THR B 548 -16.95 27.69 1.51
N THR B 549 -16.67 28.41 0.43
CA THR B 549 -15.32 28.79 0.05
C THR B 549 -15.06 30.22 0.49
N GLY B 550 -14.08 30.40 1.37
CA GLY B 550 -13.78 31.70 1.91
C GLY B 550 -13.06 31.60 3.25
N PRO B 551 -12.92 32.73 3.94
CA PRO B 551 -12.22 32.72 5.23
C PRO B 551 -12.89 31.79 6.23
N VAL B 552 -12.07 31.14 7.05
CA VAL B 552 -12.56 30.18 8.04
C VAL B 552 -13.13 30.84 9.27
N LYS B 553 -13.12 32.16 9.35
CA LYS B 553 -13.65 32.87 10.51
C LYS B 553 -15.14 33.14 10.42
N PHE B 554 -15.77 32.90 9.27
CA PHE B 554 -17.17 33.19 9.04
C PHE B 554 -17.99 31.94 8.76
N MET B 555 -17.58 30.81 9.33
CA MET B 555 -18.31 29.56 9.18
C MET B 555 -19.21 29.31 10.39
N ASN B 556 -20.25 28.53 10.17
CA ASN B 556 -21.38 28.41 11.08
C ASN B 556 -21.14 27.41 12.21
N ASP B 557 -20.00 26.70 12.21
CA ASP B 557 -19.65 25.60 13.08
C ASP B 557 -20.37 24.30 12.67
N VAL B 558 -21.31 24.35 11.74
CA VAL B 558 -21.71 23.19 10.95
C VAL B 558 -20.98 23.15 9.62
N GLN B 559 -20.72 24.32 9.04
CA GLN B 559 -19.91 24.39 7.83
C GLN B 559 -18.46 24.10 8.12
N LEU B 560 -18.02 24.29 9.37
CA LEU B 560 -16.65 23.97 9.76
C LEU B 560 -16.44 22.47 9.92
N ALA B 561 -17.48 21.75 10.37
CA ALA B 561 -17.38 20.30 10.47
C ALA B 561 -17.16 19.68 9.10
N ALA B 562 -17.82 20.22 8.08
CA ALA B 562 -17.59 19.73 6.72
C ALA B 562 -16.14 19.93 6.31
N LEU B 563 -15.56 21.08 6.66
CA LEU B 563 -14.16 21.32 6.34
C LEU B 563 -13.26 20.33 7.05
N ASP B 564 -13.60 19.99 8.30
CA ASP B 564 -12.78 19.05 9.07
C ASP B 564 -12.74 17.69 8.38
N HIS B 565 -13.90 17.20 7.93
CA HIS B 565 -13.93 15.92 7.24
C HIS B 565 -13.26 16.00 5.87
N ALA B 566 -13.31 17.16 5.22
CA ALA B 566 -12.66 17.31 3.93
C ALA B 566 -11.16 17.11 4.04
N TYR B 567 -10.54 17.67 5.09
CA TYR B 567 -9.09 17.54 5.23
C TYR B 567 -8.67 16.11 5.46
N THR B 568 -9.41 15.36 6.29
CA THR B 568 -9.07 13.97 6.50
C THR B 568 -9.30 13.13 5.25
N TYR B 569 -10.31 13.46 4.45
CA TYR B 569 -10.49 12.77 3.17
C TYR B 569 -9.31 13.01 2.24
N GLY B 570 -8.81 14.25 2.19
CA GLY B 570 -7.67 14.53 1.35
C GLY B 570 -6.44 13.74 1.75
N LEU B 571 -6.33 13.39 3.03
CA LEU B 571 -5.16 12.64 3.48
C LEU B 571 -5.08 11.26 2.83
N LEU B 572 -6.23 10.67 2.49
CA LEU B 572 -6.19 9.40 1.78
C LEU B 572 -5.58 9.57 0.40
N TRP B 573 -5.88 10.68 -0.27
CA TRP B 573 -5.29 10.94 -1.59
C TRP B 573 -3.78 11.01 -1.50
N VAL B 574 -3.26 11.63 -0.44
CA VAL B 574 -1.81 11.66 -0.24
C VAL B 574 -1.28 10.23 -0.07
N ALA B 575 -2.04 9.38 0.61
CA ALA B 575 -1.63 7.98 0.75
C ALA B 575 -1.59 7.30 -0.61
N GLY B 576 -2.54 7.60 -1.48
CA GLY B 576 -2.51 7.04 -2.83
C GLY B 576 -1.25 7.45 -3.58
N ALA B 577 -0.83 8.71 -3.44
CA ALA B 577 0.41 9.15 -4.06
C ALA B 577 1.61 8.46 -3.43
N ALA B 578 1.59 8.25 -2.11
CA ALA B 578 2.71 7.60 -1.44
C ALA B 578 2.89 6.18 -1.95
N ILE B 579 1.79 5.49 -2.24
CA ILE B 579 1.87 4.11 -2.71
C ILE B 579 2.56 4.05 -4.06
N ILE B 580 2.27 5.01 -4.94
CA ILE B 580 2.91 5.01 -6.25
C ILE B 580 4.41 5.20 -6.10
N VAL B 581 4.83 6.02 -5.14
CA VAL B 581 6.26 6.23 -4.92
C VAL B 581 6.92 4.92 -4.52
N GLY B 582 6.29 4.18 -3.60
CA GLY B 582 6.83 2.90 -3.22
C GLY B 582 6.89 1.92 -4.38
N GLY B 583 5.85 1.90 -5.20
CA GLY B 583 5.84 0.99 -6.34
C GLY B 583 6.95 1.28 -7.32
N MET B 584 7.22 2.56 -7.58
CA MET B 584 8.30 2.94 -8.49
C MET B 584 9.66 2.94 -7.81
N ALA B 585 9.72 2.79 -6.49
CA ALA B 585 10.98 2.65 -5.79
C ALA B 585 11.48 1.21 -5.77
N LEU B 586 10.66 0.24 -6.17
CA LEU B 586 11.09 -1.14 -6.28
C LEU B 586 12.03 -1.38 -7.46
N PHE B 587 12.13 -0.43 -8.38
CA PHE B 587 12.93 -0.58 -9.58
C PHE B 587 14.32 0.03 -9.44
N ILE B 588 14.67 0.55 -8.26
CA ILE B 588 15.94 1.26 -8.10
C ILE B 588 17.10 0.33 -8.40
N GLY B 589 17.25 -0.73 -7.61
CA GLY B 589 18.21 -1.77 -7.91
C GLY B 589 19.65 -1.43 -7.60
N TYR B 590 19.92 -0.34 -6.90
CA TYR B 590 21.28 -0.04 -6.47
C TYR B 590 21.69 -0.96 -5.33
N THR B 591 22.94 -1.40 -5.36
CA THR B 591 23.51 -2.18 -4.27
C THR B 591 24.14 -1.24 -3.24
N PRO B 592 24.30 -1.68 -2.00
CA PRO B 592 24.97 -0.82 -1.01
C PRO B 592 26.41 -0.53 -1.35
N GLN B 593 27.04 -1.33 -2.22
CA GLN B 593 28.40 -1.07 -2.64
C GLN B 593 28.51 0.24 -3.41
N GLN B 594 27.52 0.54 -4.25
CA GLN B 594 27.64 1.69 -5.14
C GLN B 594 27.32 3.00 -4.43
N VAL B 595 26.17 3.06 -3.74
CA VAL B 595 25.72 4.31 -3.16
C VAL B 595 26.61 4.72 -1.99
N ALA B 596 27.00 3.76 -1.14
CA ALA B 596 27.82 4.04 0.02
C ALA B 596 28.80 2.89 0.21
N HIS B 597 29.47 2.87 1.36
CA HIS B 597 30.34 1.76 1.74
C HIS B 597 31.39 1.53 0.64
N ALA B 598 32.39 2.41 0.66
CA ALA B 598 33.48 2.33 -0.31
C ALA B 598 34.73 3.06 0.19
#